data_7U6D
#
_entry.id   7U6D
#
_cell.length_a   1.00
_cell.length_b   1.00
_cell.length_c   1.00
_cell.angle_alpha   90.00
_cell.angle_beta   90.00
_cell.angle_gamma   90.00
#
_symmetry.space_group_name_H-M   'P 1'
#
loop_
_entity.id
_entity.type
_entity.pdbx_description
1 polymer IM459
2 polymer 'Isoform Short of Insulin receptor'
#
loop_
_entity_poly.entity_id
_entity_poly.type
_entity_poly.pdbx_seq_one_letter_code
_entity_poly.pdbx_strand_id
1 'polypeptide(L)' SLEQEW(AIB)KIECEVYGKCPPKKA(0A1)YDWFERQLK A
2 'polypeptide(L)'
;HLYPGEVCPGMDIRNNLTRLHELENCSVIEGHLQILLMFKTRPEDFRDLSFPKLIMITDYLLLFRVYGLESLKDLFPNLT
VIRGSRLFFNYALVIFEMVHLKELGLYNLMNITRGSVRIEKNNELCYLATIDWSRILDSVEDNHIVLNKDDNEECGDICP
GTAKGKTNCPATVINGQFVERCWTHSHCQKVCPTICKSHGCTAEGLCCHSECLGNCSQPDDPTKCVACRNFYLDGRCVET
CPPPYYHFQDWRCVNFSFCQDLHHKCKNSRRQGCHQYVIHNNKCIPECPSGYTMNSSNLLCTPCLGPCPKVCHLLEGEKT
IDSVTSAQELRGCTVINGSLIINIRGGNNLAAELEANLGLIEEISGYLKIRRSYALVSLSFFRKLRLIRGETLEIGNYSF
YALDNQNLRQLWDWSKHNLTITQGKLFFHYNPKLCLSEIHKMEEVSGTKGRQERNDIALKTNGDQASCENELLKFSYIRT
SFDKILLRWEPYWPPDFRDLLGFMLFYKEAPYQNVTEFDGQDACGSNSWTVVDIDPPLRSNDPKSQNHPGWLMRGLKPWT
QYAIFVKTLVTFSDERRTYGAKSDIIYVQTDATNPSVPLDPISVSNSSSQIILKWKPPSDPNGNITHYLVFWERQAEDSE
LFELDYCLKGLKLPSRTWSPPFESEDSQKHNQSEYEDSAGECCSCPKTDSQILKELEESSFRKTFEDYLHNVVFVPRPSR
KRRSLGDVGNVTVAVPTVAAFPNTSSTSVPTSPEEHRPFEKVVNKESLVISGLRHFTGYRIELQACNQDTPEERCSVAAY
VSARTMPEAKADDIVGPVTHEIFENNVVHLMWQEPKEPNGLIVLYEVSYRRYGDEELHLCVSRKHFALERGCRLRGLSPG
NYSVRIRATSLAGNGSWTEPTYFYVTDYLDVPSNIA
;
C,B
#
# COMPACT_ATOMS: atom_id res chain seq x y z
N SER A 1 25.34 2.33 22.06
CA SER A 1 25.47 2.44 20.61
C SER A 1 24.30 3.23 20.03
N LEU A 2 24.44 3.63 18.76
CA LEU A 2 23.37 4.38 18.10
C LEU A 2 22.11 3.53 17.98
N GLU A 3 22.28 2.25 17.64
CA GLU A 3 21.13 1.35 17.55
C GLU A 3 20.45 1.19 18.90
N GLN A 4 21.25 1.09 19.97
CA GLN A 4 20.68 0.96 21.31
C GLN A 4 19.87 2.20 21.67
N GLU A 5 20.35 3.38 21.29
CA GLU A 5 19.60 4.61 21.57
C GLU A 5 18.27 4.60 20.85
N TRP A 6 18.24 4.05 19.63
CA TRP A 6 17.00 3.99 18.86
C TRP A 6 16.12 2.87 19.34
N LYS A 8 15.56 2.14 22.39
CA LYS A 8 14.79 2.82 23.41
C LYS A 8 13.76 3.72 22.72
N ILE A 9 14.21 4.39 21.66
CA ILE A 9 13.34 5.32 20.93
C ILE A 9 12.16 4.58 20.34
N GLU A 10 12.38 3.38 19.81
CA GLU A 10 11.30 2.64 19.18
C GLU A 10 10.21 2.34 20.21
N CYS A 11 10.64 1.93 21.40
CA CYS A 11 9.69 1.70 22.49
C CYS A 11 9.03 3.02 22.88
N GLU A 12 9.83 4.09 22.97
CA GLU A 12 9.34 5.39 23.40
C GLU A 12 8.34 5.99 22.40
N VAL A 13 8.64 5.91 21.10
CA VAL A 13 7.84 6.60 20.09
C VAL A 13 6.83 5.66 19.44
N TYR A 14 7.28 4.51 18.97
CA TYR A 14 6.40 3.59 18.24
C TYR A 14 5.81 2.51 19.14
N GLY A 15 6.19 2.48 20.41
CA GLY A 15 5.73 1.43 21.30
C GLY A 15 6.37 0.09 21.02
N LYS A 16 7.49 0.07 20.29
CA LYS A 16 8.23 -1.15 19.98
C LYS A 16 9.15 -1.50 21.15
N CYS A 17 8.53 -1.86 22.27
CA CYS A 17 9.29 -2.17 23.47
C CYS A 17 9.83 -3.59 23.44
N PRO A 18 10.91 -3.86 24.19
CA PRO A 18 11.54 -5.21 24.18
C PRO A 18 10.54 -6.33 24.45
N PRO A 19 10.87 -7.56 24.04
CA PRO A 19 10.00 -8.71 24.36
C PRO A 19 9.67 -8.85 25.84
N LYS A 20 10.55 -8.38 26.72
CA LYS A 20 10.24 -8.41 28.15
C LYS A 20 9.08 -7.49 28.48
N LYS A 21 8.95 -6.38 27.76
CA LYS A 21 7.87 -5.43 27.99
C LYS A 21 6.67 -5.66 27.08
N ALA A 22 6.74 -6.65 26.20
CA ALA A 22 5.63 -6.99 25.32
C ALA A 22 4.43 -7.41 26.16
N TYR A 24 3.79 -6.23 29.22
CA TYR A 24 3.22 -4.97 29.69
C TYR A 24 2.45 -4.26 28.59
N ASP A 25 2.92 -4.41 27.35
CA ASP A 25 2.26 -3.76 26.22
C ASP A 25 0.79 -4.20 26.12
N TRP A 26 0.52 -5.48 26.41
CA TRP A 26 -0.85 -5.98 26.31
C TRP A 26 -1.76 -5.25 27.30
N PHE A 27 -1.28 -5.04 28.53
CA PHE A 27 -2.09 -4.38 29.54
C PHE A 27 -2.40 -2.95 29.11
N GLU A 28 -1.41 -2.26 28.53
CA GLU A 28 -1.67 -0.92 28.01
C GLU A 28 -2.69 -0.97 26.88
N ARG A 29 -2.57 -1.97 26.00
CA ARG A 29 -3.51 -2.11 24.90
C ARG A 29 -4.92 -2.40 25.42
N GLN A 30 -5.01 -3.24 26.45
CA GLN A 30 -6.31 -3.58 27.03
C GLN A 30 -6.93 -2.32 27.62
N LEU A 31 -8.24 -2.15 27.38
CA LEU A 31 -8.96 -0.95 27.80
C LEU A 31 -8.30 0.32 27.28
N GLY B 5 -18.99 -33.76 31.50
CA GLY B 5 -19.81 -32.56 31.43
C GLY B 5 -20.03 -32.06 30.02
N GLU B 6 -19.99 -30.74 29.84
CA GLU B 6 -20.19 -30.10 28.55
C GLU B 6 -18.88 -29.55 28.03
N VAL B 7 -18.89 -29.16 26.76
CA VAL B 7 -17.72 -28.61 26.08
C VAL B 7 -18.01 -27.16 25.74
N CYS B 8 -17.10 -26.26 26.14
CA CYS B 8 -17.28 -24.83 25.93
C CYS B 8 -15.99 -24.22 25.40
N PRO B 9 -16.11 -23.28 24.46
CA PRO B 9 -14.91 -22.63 23.90
C PRO B 9 -14.36 -21.60 24.87
N GLY B 10 -13.30 -20.91 24.43
CA GLY B 10 -12.69 -19.89 25.25
C GLY B 10 -13.55 -18.64 25.31
N MET B 11 -13.69 -18.10 26.52
CA MET B 11 -14.51 -16.93 26.77
C MET B 11 -13.69 -15.86 27.47
N ASP B 12 -13.91 -14.60 27.10
CA ASP B 12 -13.25 -13.44 27.69
C ASP B 12 -14.34 -12.53 28.25
N ILE B 13 -14.64 -12.68 29.53
CA ILE B 13 -15.70 -11.93 30.18
C ILE B 13 -15.07 -10.86 31.07
N ARG B 14 -15.45 -9.60 30.85
CA ARG B 14 -14.95 -8.49 31.64
C ARG B 14 -16.14 -7.68 32.15
N ASN B 15 -16.29 -7.59 33.48
CA ASN B 15 -17.34 -6.76 34.08
C ASN B 15 -18.73 -7.21 33.64
N ASN B 16 -18.93 -8.52 33.44
CA ASN B 16 -20.20 -9.03 32.90
C ASN B 16 -20.66 -10.31 33.62
N LEU B 17 -21.43 -10.13 34.70
CA LEU B 17 -22.00 -11.28 35.39
C LEU B 17 -22.96 -12.04 34.50
N THR B 18 -23.69 -11.32 33.64
CA THR B 18 -24.62 -11.97 32.71
C THR B 18 -23.87 -12.89 31.74
N ARG B 19 -22.75 -12.42 31.19
CA ARG B 19 -21.94 -13.28 30.33
C ARG B 19 -21.37 -14.46 31.13
N LEU B 20 -21.04 -14.22 32.41
CA LEU B 20 -20.54 -15.27 33.28
C LEU B 20 -21.55 -16.42 33.43
N HIS B 21 -22.85 -16.11 33.46
CA HIS B 21 -23.87 -17.13 33.66
C HIS B 21 -23.89 -18.21 32.58
N GLU B 22 -22.73 -18.80 32.30
CA GLU B 22 -22.56 -19.78 31.24
C GLU B 22 -21.65 -20.93 31.64
N LEU B 23 -20.94 -20.85 32.76
CA LEU B 23 -20.05 -21.90 33.23
C LEU B 23 -20.64 -22.70 34.39
N GLU B 24 -21.96 -22.61 34.60
CA GLU B 24 -22.60 -23.34 35.68
C GLU B 24 -22.80 -24.82 35.36
N ASN B 25 -22.86 -25.17 34.07
CA ASN B 25 -23.04 -26.56 33.66
C ASN B 25 -21.97 -27.02 32.67
N CYS B 26 -20.80 -26.40 32.67
CA CYS B 26 -19.71 -26.78 31.80
C CYS B 26 -18.53 -27.25 32.62
N SER B 27 -17.74 -28.16 32.05
CA SER B 27 -16.63 -28.79 32.76
C SER B 27 -15.27 -28.41 32.18
N VAL B 28 -15.10 -28.50 30.86
CA VAL B 28 -13.81 -28.23 30.23
C VAL B 28 -13.95 -27.06 29.27
N ILE B 29 -12.81 -26.41 29.00
CA ILE B 29 -12.74 -25.28 28.08
C ILE B 29 -11.51 -25.47 27.20
N GLU B 30 -11.70 -25.48 25.89
CA GLU B 30 -10.59 -25.64 24.95
C GLU B 30 -9.99 -24.28 24.56
N GLY B 31 -9.68 -23.46 25.56
CA GLY B 31 -9.11 -22.16 25.32
C GLY B 31 -8.58 -21.51 26.59
N HIS B 32 -8.76 -20.20 26.71
CA HIS B 32 -8.31 -19.46 27.89
C HIS B 32 -9.48 -18.70 28.48
N LEU B 33 -9.47 -18.57 29.81
CA LEU B 33 -10.50 -17.85 30.54
C LEU B 33 -9.89 -16.60 31.13
N GLN B 34 -10.47 -15.44 30.80
CA GLN B 34 -9.98 -14.14 31.25
C GLN B 34 -11.08 -13.43 32.01
N ILE B 35 -10.99 -13.42 33.34
CA ILE B 35 -11.89 -12.65 34.19
C ILE B 35 -11.07 -11.46 34.69
N LEU B 36 -11.40 -10.26 34.22
CA LEU B 36 -10.59 -9.09 34.55
C LEU B 36 -11.42 -7.83 34.39
N LEU B 37 -10.88 -6.72 34.90
CA LEU B 37 -11.49 -5.39 34.79
C LEU B 37 -12.88 -5.38 35.41
N MET B 38 -13.05 -6.10 36.52
CA MET B 38 -14.30 -6.12 37.25
C MET B 38 -14.20 -5.19 38.45
N PHE B 39 -14.87 -4.03 38.36
CA PHE B 39 -14.85 -3.04 39.43
C PHE B 39 -16.17 -2.98 40.17
N LYS B 40 -17.27 -3.29 39.48
CA LYS B 40 -18.58 -3.33 40.10
C LYS B 40 -18.68 -4.50 41.06
N THR B 41 -17.85 -5.52 40.87
CA THR B 41 -17.92 -6.74 41.66
C THR B 41 -17.68 -6.43 43.13
N ARG B 42 -18.41 -7.11 43.99
CA ARG B 42 -18.38 -6.89 45.43
C ARG B 42 -18.28 -8.23 46.16
N PRO B 43 -17.88 -8.22 47.44
CA PRO B 43 -17.84 -9.48 48.19
C PRO B 43 -19.21 -10.14 48.25
N GLU B 44 -20.26 -9.33 48.41
CA GLU B 44 -21.61 -9.85 48.43
C GLU B 44 -21.93 -10.54 47.12
N ASP B 45 -21.44 -9.98 46.01
CA ASP B 45 -21.64 -10.62 44.71
C ASP B 45 -20.97 -11.99 44.67
N PHE B 46 -19.76 -12.09 45.24
CA PHE B 46 -18.98 -13.33 45.13
C PHE B 46 -19.39 -14.40 46.13
N ARG B 47 -19.89 -14.01 47.32
CA ARG B 47 -20.16 -15.02 48.33
C ARG B 47 -21.19 -16.06 47.87
N ASP B 48 -22.02 -15.72 46.89
CA ASP B 48 -23.02 -16.62 46.36
C ASP B 48 -22.67 -17.08 44.94
N LEU B 49 -21.38 -17.23 44.65
CA LEU B 49 -20.91 -17.67 43.34
C LEU B 49 -19.96 -18.84 43.51
N SER B 50 -20.21 -19.93 42.80
CA SER B 50 -19.38 -21.11 42.88
C SER B 50 -19.50 -21.89 41.57
N PHE B 51 -18.37 -22.40 41.09
CA PHE B 51 -18.32 -23.19 39.86
C PHE B 51 -17.49 -24.44 40.14
N PRO B 52 -18.09 -25.44 40.79
CA PRO B 52 -17.35 -26.67 41.09
C PRO B 52 -17.28 -27.65 39.94
N LYS B 53 -17.89 -27.33 38.79
CA LYS B 53 -17.88 -28.26 37.66
C LYS B 53 -16.62 -28.11 36.82
N LEU B 54 -16.03 -26.92 36.79
CA LEU B 54 -14.80 -26.72 36.04
C LEU B 54 -13.66 -27.53 36.66
N ILE B 55 -12.86 -28.16 35.81
CA ILE B 55 -11.80 -29.06 36.23
C ILE B 55 -10.44 -28.63 35.70
N MET B 56 -10.34 -28.41 34.39
CA MET B 56 -9.06 -28.10 33.76
C MET B 56 -9.25 -27.01 32.71
N ILE B 57 -8.34 -26.05 32.71
CA ILE B 57 -8.30 -25.00 31.69
C ILE B 57 -7.10 -25.26 30.78
N THR B 58 -7.34 -25.27 29.47
CA THR B 58 -6.32 -25.66 28.52
C THR B 58 -5.19 -24.64 28.42
N ASP B 59 -5.49 -23.43 27.94
CA ASP B 59 -4.44 -22.46 27.69
C ASP B 59 -3.90 -21.85 28.98
N TYR B 60 -4.70 -21.02 29.65
CA TYR B 60 -4.26 -20.34 30.87
C TYR B 60 -5.47 -19.69 31.53
N LEU B 61 -5.23 -19.14 32.72
CA LEU B 61 -6.24 -18.40 33.47
C LEU B 61 -5.65 -17.07 33.88
N LEU B 62 -6.38 -15.98 33.63
CA LEU B 62 -5.90 -14.63 33.85
C LEU B 62 -6.83 -13.88 34.78
N LEU B 63 -6.28 -13.30 35.84
CA LEU B 63 -7.05 -12.51 36.79
C LEU B 63 -6.44 -11.12 36.90
N PHE B 64 -7.26 -10.09 36.74
CA PHE B 64 -6.79 -8.71 36.81
C PHE B 64 -7.88 -7.85 37.43
N ARG B 65 -7.48 -6.90 38.29
CA ARG B 65 -8.37 -5.94 38.93
C ARG B 65 -9.79 -6.45 39.15
N VAL B 66 -9.95 -7.50 39.95
CA VAL B 66 -11.28 -7.99 40.31
C VAL B 66 -11.58 -7.53 41.74
N TYR B 67 -12.39 -6.49 41.85
CA TYR B 67 -12.73 -5.92 43.15
C TYR B 67 -13.75 -6.79 43.87
N GLY B 68 -13.75 -6.69 45.19
CA GLY B 68 -14.65 -7.47 46.01
C GLY B 68 -14.24 -8.91 46.25
N LEU B 69 -13.44 -9.50 45.37
CA LEU B 69 -13.01 -10.88 45.53
C LEU B 69 -11.88 -10.96 46.54
N GLU B 70 -12.02 -11.84 47.52
CA GLU B 70 -11.02 -12.03 48.55
C GLU B 70 -10.37 -13.41 48.53
N SER B 71 -11.10 -14.45 48.16
CA SER B 71 -10.55 -15.79 48.07
C SER B 71 -11.17 -16.51 46.88
N LEU B 72 -10.35 -17.26 46.15
CA LEU B 72 -10.79 -18.01 44.98
C LEU B 72 -11.10 -19.47 45.32
N LYS B 73 -11.05 -19.85 46.60
CA LYS B 73 -11.32 -21.22 46.99
C LYS B 73 -12.78 -21.60 46.80
N ASP B 74 -13.69 -20.63 46.74
CA ASP B 74 -15.10 -20.91 46.54
C ASP B 74 -15.58 -20.67 45.12
N LEU B 75 -14.87 -19.85 44.34
CA LEU B 75 -15.26 -19.60 42.96
C LEU B 75 -14.90 -20.78 42.06
N PHE B 76 -13.63 -21.20 42.06
CA PHE B 76 -13.15 -22.29 41.23
C PHE B 76 -12.42 -23.29 42.13
N PRO B 77 -13.16 -24.12 42.86
CA PRO B 77 -12.52 -25.04 43.81
C PRO B 77 -11.95 -26.29 43.18
N ASN B 78 -12.61 -26.81 42.13
CA ASN B 78 -12.27 -28.09 41.55
C ASN B 78 -11.29 -27.99 40.39
N LEU B 79 -10.43 -26.97 40.37
CA LEU B 79 -9.40 -26.85 39.36
C LEU B 79 -8.17 -27.64 39.82
N THR B 80 -7.74 -28.60 39.00
CA THR B 80 -6.65 -29.50 39.37
C THR B 80 -5.42 -29.32 38.49
N VAL B 81 -5.58 -29.44 37.18
CA VAL B 81 -4.44 -29.40 36.26
C VAL B 81 -4.70 -28.35 35.19
N ILE B 82 -3.62 -27.82 34.63
CA ILE B 82 -3.67 -26.86 33.54
C ILE B 82 -2.68 -27.29 32.47
N ARG B 83 -3.17 -27.43 31.23
CA ARG B 83 -2.32 -27.88 30.13
C ARG B 83 -1.23 -26.87 29.82
N GLY B 84 -1.62 -25.68 29.36
CA GLY B 84 -0.65 -24.62 29.09
C GLY B 84 -0.04 -24.69 27.71
N SER B 85 -0.85 -25.07 26.71
CA SER B 85 -0.34 -25.11 25.34
C SER B 85 -0.08 -23.70 24.82
N ARG B 86 -1.11 -22.85 24.81
CA ARG B 86 -0.98 -21.45 24.43
C ARG B 86 -0.71 -20.63 25.69
N LEU B 87 0.50 -20.09 25.80
CA LEU B 87 0.90 -19.34 26.98
C LEU B 87 0.81 -17.85 26.72
N PHE B 88 0.42 -17.10 27.75
CA PHE B 88 0.34 -15.64 27.67
C PHE B 88 1.73 -15.08 27.95
N PHE B 89 2.54 -15.03 26.88
CA PHE B 89 3.94 -14.59 26.94
C PHE B 89 4.73 -15.47 27.91
N ASN B 90 4.70 -16.77 27.63
CA ASN B 90 5.42 -17.78 28.43
C ASN B 90 4.95 -17.77 29.88
N TYR B 91 3.63 -17.69 30.09
CA TYR B 91 3.05 -17.74 31.42
C TYR B 91 1.73 -18.50 31.37
N ALA B 92 1.51 -19.32 32.40
CA ALA B 92 0.29 -20.12 32.50
C ALA B 92 -0.70 -19.59 33.54
N LEU B 93 -0.26 -18.77 34.49
CA LEU B 93 -1.14 -18.22 35.52
C LEU B 93 -0.78 -16.76 35.72
N VAL B 94 -1.72 -15.88 35.44
CA VAL B 94 -1.51 -14.43 35.47
C VAL B 94 -2.25 -13.85 36.67
N ILE B 95 -1.49 -13.28 37.61
CA ILE B 95 -2.03 -12.66 38.81
C ILE B 95 -1.41 -11.27 38.91
N PHE B 96 -2.15 -10.25 38.46
CA PHE B 96 -1.62 -8.90 38.36
C PHE B 96 -2.61 -7.90 38.93
N GLU B 97 -2.12 -7.01 39.78
CA GLU B 97 -2.90 -5.90 40.34
C GLU B 97 -4.19 -6.42 41.01
N MET B 98 -3.98 -7.17 42.09
CA MET B 98 -5.06 -7.68 42.92
C MET B 98 -5.06 -6.88 44.21
N VAL B 99 -5.93 -5.85 44.27
CA VAL B 99 -5.95 -4.96 45.42
C VAL B 99 -6.86 -5.46 46.54
N HIS B 100 -7.71 -6.45 46.28
CA HIS B 100 -8.61 -6.98 47.29
C HIS B 100 -8.43 -8.47 47.57
N LEU B 101 -7.60 -9.16 46.80
CA LEU B 101 -7.37 -10.58 47.04
C LEU B 101 -6.49 -10.79 48.26
N LYS B 102 -6.83 -11.79 49.06
CA LYS B 102 -6.08 -12.14 50.26
C LYS B 102 -5.25 -13.40 50.11
N GLU B 103 -5.77 -14.43 49.46
CA GLU B 103 -5.05 -15.68 49.26
C GLU B 103 -5.54 -16.34 47.99
N LEU B 104 -4.74 -17.29 47.49
CA LEU B 104 -5.11 -18.02 46.28
C LEU B 104 -6.32 -18.92 46.54
N GLY B 105 -6.18 -19.86 47.47
CA GLY B 105 -7.26 -20.74 47.83
C GLY B 105 -7.39 -21.98 46.98
N LEU B 106 -6.63 -22.10 45.89
CA LEU B 106 -6.72 -23.28 45.03
C LEU B 106 -6.06 -24.47 45.71
N TYR B 107 -6.83 -25.20 46.53
CA TYR B 107 -6.31 -26.33 47.28
C TYR B 107 -6.37 -27.64 46.50
N ASN B 108 -6.75 -27.60 45.23
CA ASN B 108 -6.81 -28.80 44.40
C ASN B 108 -5.76 -28.79 43.28
N LEU B 109 -4.90 -27.79 43.22
CA LEU B 109 -3.86 -27.74 42.20
C LEU B 109 -2.83 -28.83 42.47
N MET B 110 -2.59 -29.68 41.47
CA MET B 110 -1.68 -30.81 41.62
C MET B 110 -0.42 -30.65 40.79
N ASN B 111 -0.55 -30.46 39.48
CA ASN B 111 0.60 -30.38 38.60
C ASN B 111 0.31 -29.43 37.46
N ILE B 112 1.36 -28.80 36.93
CA ILE B 112 1.28 -27.91 35.77
C ILE B 112 2.07 -28.55 34.65
N THR B 113 1.39 -28.82 33.53
CA THR B 113 2.04 -29.51 32.41
C THR B 113 3.04 -28.59 31.72
N ARG B 114 2.64 -27.36 31.41
CA ARG B 114 3.49 -26.42 30.71
C ARG B 114 3.10 -25.00 31.09
N GLY B 115 4.11 -24.16 31.28
CA GLY B 115 3.91 -22.76 31.61
C GLY B 115 4.53 -22.38 32.95
N SER B 116 4.46 -21.10 33.23
CA SER B 116 5.00 -20.51 34.46
C SER B 116 3.89 -19.75 35.18
N VAL B 117 4.26 -19.16 36.32
CA VAL B 117 3.34 -18.37 37.14
C VAL B 117 3.85 -16.94 37.17
N ARG B 118 2.93 -15.99 37.10
CA ARG B 118 3.26 -14.57 37.09
C ARG B 118 2.52 -13.88 38.23
N ILE B 119 3.26 -13.47 39.26
CA ILE B 119 2.71 -12.81 40.44
C ILE B 119 3.53 -11.54 40.65
N GLU B 120 2.96 -10.39 40.32
CA GLU B 120 3.67 -9.13 40.43
C GLU B 120 2.68 -8.01 40.74
N LYS B 121 3.10 -7.08 41.61
CA LYS B 121 2.31 -5.91 41.97
C LYS B 121 0.94 -6.29 42.52
N ASN B 122 0.95 -7.24 43.46
CA ASN B 122 -0.27 -7.74 44.09
C ASN B 122 -0.18 -7.48 45.60
N ASN B 123 -0.93 -6.48 46.06
CA ASN B 123 -0.93 -6.13 47.48
C ASN B 123 -2.01 -6.90 48.22
N GLU B 124 -1.80 -7.05 49.54
CA GLU B 124 -2.71 -7.72 50.47
C GLU B 124 -2.86 -9.21 50.20
N LEU B 125 -2.03 -9.78 49.32
CA LEU B 125 -2.03 -11.22 49.07
C LEU B 125 -1.13 -11.91 50.08
N CYS B 126 -1.64 -13.00 50.66
CA CYS B 126 -0.89 -13.79 51.63
C CYS B 126 -0.89 -15.25 51.19
N TYR B 127 -0.24 -16.09 52.01
CA TYR B 127 -0.11 -17.53 51.73
C TYR B 127 0.58 -17.78 50.39
N LEU B 128 1.67 -17.05 50.16
CA LEU B 128 2.48 -17.20 48.95
C LEU B 128 3.69 -18.10 49.16
N ALA B 129 4.36 -17.98 50.32
CA ALA B 129 5.53 -18.80 50.60
C ALA B 129 5.18 -20.22 51.03
N THR B 130 3.91 -20.50 51.29
CA THR B 130 3.47 -21.83 51.72
C THR B 130 3.04 -22.70 50.55
N ILE B 131 3.38 -22.32 49.31
CA ILE B 131 3.03 -23.07 48.12
C ILE B 131 4.31 -23.69 47.57
N ASP B 132 4.30 -25.01 47.38
CA ASP B 132 5.45 -25.75 46.88
C ASP B 132 5.26 -25.93 45.37
N TRP B 133 5.86 -25.04 44.59
CA TRP B 133 5.76 -25.11 43.13
C TRP B 133 6.63 -26.19 42.53
N SER B 134 7.57 -26.76 43.30
CA SER B 134 8.42 -27.81 42.76
C SER B 134 7.63 -29.08 42.47
N ARG B 135 6.72 -29.46 43.37
CA ARG B 135 5.88 -30.62 43.15
C ARG B 135 4.75 -30.35 42.15
N ILE B 136 4.56 -29.10 41.75
CA ILE B 136 3.51 -28.74 40.79
C ILE B 136 4.07 -28.43 39.42
N LEU B 137 5.19 -27.72 39.36
CA LEU B 137 5.83 -27.34 38.11
C LEU B 137 7.19 -28.02 37.99
N ASP B 138 7.51 -28.47 36.77
CA ASP B 138 8.77 -29.18 36.56
C ASP B 138 9.97 -28.23 36.65
N SER B 139 9.84 -27.03 36.08
CA SER B 139 10.90 -26.04 36.09
C SER B 139 10.35 -24.75 36.70
N VAL B 140 10.73 -24.47 37.95
CA VAL B 140 10.27 -23.27 38.64
C VAL B 140 11.26 -22.14 38.47
N GLU B 141 12.20 -22.32 37.53
CA GLU B 141 13.21 -21.29 37.28
C GLU B 141 12.59 -20.08 36.58
N ASP B 142 11.54 -20.28 35.80
CA ASP B 142 10.86 -19.20 35.09
C ASP B 142 9.77 -18.53 35.93
N ASN B 143 9.64 -18.89 37.19
CA ASN B 143 8.63 -18.29 38.05
C ASN B 143 9.03 -16.86 38.41
N HIS B 144 8.04 -15.96 38.37
CA HIS B 144 8.24 -14.54 38.68
C HIS B 144 7.22 -14.15 39.73
N ILE B 145 7.58 -14.30 41.00
CA ILE B 145 6.69 -14.00 42.12
C ILE B 145 7.43 -12.98 42.99
N VAL B 146 7.20 -11.69 42.73
CA VAL B 146 7.79 -10.61 43.49
C VAL B 146 6.75 -9.51 43.68
N LEU B 147 7.11 -8.50 44.46
CA LEU B 147 6.26 -7.35 44.73
C LEU B 147 4.91 -7.76 45.31
N ASN B 148 4.97 -8.38 46.49
CA ASN B 148 3.78 -8.85 47.18
C ASN B 148 3.90 -8.54 48.67
N LYS B 149 2.80 -8.73 49.38
CA LYS B 149 2.80 -8.49 50.83
C LYS B 149 3.59 -9.57 51.56
N ASP B 150 3.52 -10.80 51.09
CA ASP B 150 4.25 -11.90 51.71
C ASP B 150 5.74 -11.81 51.42
N GLU B 154 4.59 -8.57 56.69
CA GLU B 154 4.43 -9.90 57.26
C GLU B 154 2.97 -10.34 57.22
N CYS B 155 2.73 -11.57 56.78
CA CYS B 155 1.40 -12.14 56.67
C CYS B 155 1.03 -13.05 57.82
N GLY B 156 1.94 -13.92 58.25
CA GLY B 156 1.64 -14.87 59.30
C GLY B 156 0.74 -15.99 58.82
N ASP B 157 1.19 -16.74 57.83
CA ASP B 157 0.39 -17.82 57.25
C ASP B 157 0.27 -18.96 58.25
N ILE B 158 -0.93 -19.15 58.80
CA ILE B 158 -1.20 -20.22 59.76
C ILE B 158 -1.88 -21.36 59.03
N CYS B 159 -1.22 -22.52 58.99
CA CYS B 159 -1.78 -23.69 58.32
C CYS B 159 -2.70 -24.47 59.26
N ASN B 168 -0.75 -30.83 60.68
CA ASN B 168 -1.47 -31.75 59.80
C ASN B 168 -1.05 -31.58 58.35
N CYS B 169 -0.62 -30.36 57.99
CA CYS B 169 -0.21 -30.10 56.62
C CYS B 169 1.21 -30.62 56.39
N PRO B 170 1.48 -31.16 55.20
CA PRO B 170 2.84 -31.65 54.92
C PRO B 170 3.83 -30.50 54.86
N ALA B 171 5.10 -30.84 55.12
CA ALA B 171 6.20 -29.87 55.12
C ALA B 171 7.26 -30.33 54.14
N THR B 172 7.59 -29.47 53.19
CA THR B 172 8.61 -29.75 52.18
C THR B 172 9.76 -28.76 52.32
N VAL B 173 10.80 -28.96 51.51
CA VAL B 173 11.95 -28.07 51.52
C VAL B 173 11.64 -26.77 50.79
N PHE B 178 12.64 -26.99 56.54
CA PHE B 178 11.33 -27.53 56.20
C PHE B 178 10.21 -26.59 56.62
N VAL B 179 9.38 -26.18 55.65
CA VAL B 179 8.27 -25.28 55.88
C VAL B 179 6.99 -26.01 55.49
N GLU B 180 5.97 -25.91 56.34
CA GLU B 180 4.69 -26.55 56.06
C GLU B 180 4.05 -25.92 54.83
N ARG B 181 3.39 -26.77 54.03
CA ARG B 181 2.77 -26.35 52.78
C ARG B 181 1.26 -26.41 52.94
N CYS B 182 0.61 -25.26 52.74
CA CYS B 182 -0.85 -25.20 52.79
C CYS B 182 -1.31 -24.01 51.96
N TRP B 183 -2.56 -24.07 51.52
CA TRP B 183 -3.16 -23.01 50.71
C TRP B 183 -3.97 -22.02 51.55
N THR B 184 -4.83 -22.51 52.42
CA THR B 184 -5.64 -21.68 53.30
C THR B 184 -5.42 -22.11 54.75
N HIS B 185 -6.22 -21.53 55.65
CA HIS B 185 -6.12 -21.84 57.07
C HIS B 185 -6.76 -23.16 57.45
N SER B 186 -7.58 -23.75 56.57
CA SER B 186 -8.27 -25.00 56.87
C SER B 186 -8.09 -26.05 55.78
N HIS B 187 -7.21 -25.81 54.80
CA HIS B 187 -6.97 -26.75 53.71
C HIS B 187 -5.46 -26.87 53.50
N CYS B 188 -4.94 -28.08 53.67
CA CYS B 188 -3.53 -28.34 53.46
C CYS B 188 -3.24 -28.58 51.99
N GLN B 189 -1.96 -28.73 51.67
CA GLN B 189 -1.51 -29.02 50.32
C GLN B 189 -1.33 -30.51 50.15
N LYS B 190 -1.94 -31.06 49.10
CA LYS B 190 -1.89 -32.50 48.84
C LYS B 190 -0.48 -32.89 48.41
N VAL B 191 0.26 -33.49 49.35
CA VAL B 191 1.63 -33.94 49.09
C VAL B 191 1.68 -35.43 49.41
N CYS B 192 1.80 -36.25 48.37
CA CYS B 192 1.84 -37.70 48.49
C CYS B 192 3.24 -38.22 48.18
N PRO B 193 3.55 -39.47 48.58
CA PRO B 193 4.93 -39.99 48.42
C PRO B 193 5.40 -40.05 46.97
N THR B 194 6.65 -40.49 46.80
CA THR B 194 7.29 -40.47 45.49
C THR B 194 6.62 -41.42 44.50
N ILE B 195 6.11 -42.55 44.97
CA ILE B 195 5.50 -43.53 44.06
C ILE B 195 4.32 -42.93 43.33
N CYS B 196 3.56 -42.05 43.98
CA CYS B 196 2.47 -41.33 43.32
C CYS B 196 2.98 -39.98 42.80
N LYS B 197 3.98 -40.05 41.92
CA LYS B 197 4.63 -38.83 41.44
C LYS B 197 3.70 -38.05 40.51
N SER B 198 3.10 -38.73 39.53
CA SER B 198 2.24 -38.08 38.55
C SER B 198 0.94 -38.82 38.28
N HIS B 199 0.79 -40.06 38.72
CA HIS B 199 -0.40 -40.85 38.43
C HIS B 199 -1.59 -40.49 39.31
N GLY B 200 -1.42 -39.57 40.26
CA GLY B 200 -2.50 -39.21 41.17
C GLY B 200 -2.37 -39.92 42.51
N CYS B 201 -3.23 -39.51 43.44
CA CYS B 201 -3.15 -39.99 44.80
C CYS B 201 -4.48 -39.74 45.51
N THR B 202 -4.90 -40.69 46.33
CA THR B 202 -6.12 -40.59 47.09
C THR B 202 -5.83 -40.07 48.50
N ALA B 203 -6.85 -40.09 49.36
CA ALA B 203 -6.70 -39.59 50.72
C ALA B 203 -5.94 -40.56 51.63
N GLU B 204 -5.95 -41.86 51.32
CA GLU B 204 -5.27 -42.84 52.14
C GLU B 204 -3.80 -43.00 51.78
N GLY B 205 -3.43 -42.70 50.54
CA GLY B 205 -2.04 -42.77 50.14
C GLY B 205 -1.74 -43.85 49.11
N LEU B 206 -2.70 -44.14 48.25
CA LEU B 206 -2.52 -45.11 47.17
C LEU B 206 -2.54 -44.39 45.82
N CYS B 207 -1.62 -44.76 44.95
CA CYS B 207 -1.57 -44.14 43.63
C CYS B 207 -2.72 -44.64 42.76
N CYS B 208 -3.13 -43.80 41.81
CA CYS B 208 -4.20 -44.13 40.89
C CYS B 208 -3.66 -44.95 39.72
N HIS B 209 -4.43 -45.03 38.63
CA HIS B 209 -4.00 -45.77 37.46
C HIS B 209 -2.75 -45.13 36.85
N SER B 210 -2.01 -45.95 36.09
CA SER B 210 -0.77 -45.47 35.49
C SER B 210 -1.00 -44.34 34.50
N GLU B 211 -2.19 -44.28 33.90
CA GLU B 211 -2.53 -43.21 32.97
C GLU B 211 -3.21 -42.03 33.66
N CYS B 212 -3.55 -42.15 34.94
CA CYS B 212 -4.28 -41.12 35.65
C CYS B 212 -3.39 -39.91 35.90
N LEU B 213 -3.98 -38.86 36.46
CA LEU B 213 -3.25 -37.61 36.71
C LEU B 213 -3.95 -36.84 37.82
N GLY B 214 -3.16 -36.35 38.78
CA GLY B 214 -3.67 -35.47 39.81
C GLY B 214 -4.40 -36.17 40.94
N ASN B 215 -5.63 -36.60 40.68
CA ASN B 215 -6.46 -37.21 41.71
C ASN B 215 -7.49 -38.11 41.04
N CYS B 216 -7.96 -39.10 41.80
CA CYS B 216 -8.97 -40.03 41.33
C CYS B 216 -9.91 -40.38 42.48
N SER B 217 -11.06 -40.93 42.11
CA SER B 217 -12.02 -41.38 43.11
C SER B 217 -11.74 -42.80 43.59
N GLN B 218 -11.23 -43.67 42.72
CA GLN B 218 -10.88 -45.03 43.08
C GLN B 218 -9.47 -45.31 42.58
N PRO B 219 -8.60 -45.89 43.41
CA PRO B 219 -7.23 -46.16 42.97
C PRO B 219 -7.18 -47.29 41.94
N ASP B 220 -6.20 -47.19 41.04
CA ASP B 220 -5.99 -48.17 39.99
C ASP B 220 -7.24 -48.35 39.13
N ASP B 221 -7.71 -47.24 38.58
CA ASP B 221 -8.90 -47.24 37.74
C ASP B 221 -8.83 -46.10 36.73
N PRO B 222 -8.69 -46.41 35.43
CA PRO B 222 -8.61 -45.34 34.43
C PRO B 222 -9.95 -44.70 34.10
N THR B 223 -11.07 -45.29 34.53
CA THR B 223 -12.40 -44.77 34.24
C THR B 223 -12.96 -43.91 35.35
N LYS B 224 -12.14 -43.58 36.36
CA LYS B 224 -12.59 -42.77 37.49
C LYS B 224 -11.78 -41.48 37.62
N CYS B 225 -10.92 -41.16 36.66
CA CYS B 225 -10.06 -39.99 36.72
C CYS B 225 -10.66 -38.86 35.90
N VAL B 226 -10.79 -37.69 36.52
CA VAL B 226 -11.34 -36.52 35.84
C VAL B 226 -10.28 -35.75 35.07
N ALA B 227 -9.01 -35.85 35.46
CA ALA B 227 -7.91 -35.19 34.79
C ALA B 227 -6.88 -36.23 34.37
N CYS B 228 -6.45 -36.17 33.12
CA CYS B 228 -5.52 -37.15 32.57
C CYS B 228 -4.42 -36.43 31.80
N ARG B 229 -3.20 -36.97 31.86
CA ARG B 229 -2.10 -36.39 31.10
C ARG B 229 -2.26 -36.68 29.61
N ASN B 230 -2.62 -37.92 29.28
CA ASN B 230 -2.78 -38.32 27.89
C ASN B 230 -4.16 -37.91 27.38
N PHE B 231 -4.53 -38.41 26.20
CA PHE B 231 -5.76 -38.00 25.54
C PHE B 231 -6.97 -38.72 26.13
N TYR B 232 -8.05 -37.99 26.34
CA TYR B 232 -9.28 -38.52 26.91
C TYR B 232 -10.19 -39.04 25.79
N LEU B 233 -10.73 -40.25 25.99
CA LEU B 233 -11.61 -40.85 24.99
C LEU B 233 -12.53 -41.85 25.66
N ASP B 234 -13.84 -41.57 25.66
CA ASP B 234 -14.85 -42.48 26.18
C ASP B 234 -14.59 -42.87 27.64
N GLY B 235 -14.37 -41.85 28.47
CA GLY B 235 -14.19 -42.06 29.89
C GLY B 235 -12.82 -42.62 30.23
N ARG B 236 -12.49 -43.78 29.65
CA ARG B 236 -11.22 -44.43 29.96
C ARG B 236 -10.12 -43.70 29.22
N CYS B 237 -9.25 -43.01 29.95
CA CYS B 237 -8.23 -42.21 29.28
C CYS B 237 -7.23 -43.14 28.60
N VAL B 238 -6.79 -42.74 27.41
CA VAL B 238 -5.92 -43.57 26.60
C VAL B 238 -4.57 -42.88 26.45
N GLU B 239 -3.51 -43.70 26.39
CA GLU B 239 -2.16 -43.16 26.23
C GLU B 239 -2.02 -42.41 24.91
N THR B 240 -2.57 -42.96 23.84
CA THR B 240 -2.56 -42.35 22.52
C THR B 240 -3.89 -42.66 21.84
N CYS B 241 -4.25 -41.85 20.85
CA CYS B 241 -5.55 -42.08 20.21
C CYS B 241 -5.46 -43.25 19.24
N PRO B 242 -6.30 -44.27 19.39
CA PRO B 242 -6.31 -45.35 18.41
C PRO B 242 -7.01 -44.88 17.14
N PRO B 243 -6.60 -45.38 15.98
CA PRO B 243 -7.32 -45.06 14.76
C PRO B 243 -8.75 -45.58 14.83
N PRO B 244 -9.73 -44.84 14.26
CA PRO B 244 -9.52 -43.66 13.43
C PRO B 244 -9.62 -42.35 14.20
N TYR B 245 -9.50 -42.40 15.52
CA TYR B 245 -9.57 -41.20 16.33
C TYR B 245 -8.29 -40.39 16.17
N TYR B 246 -8.43 -39.14 15.77
CA TYR B 246 -7.30 -38.23 15.63
C TYR B 246 -7.12 -37.43 16.91
N HIS B 247 -5.87 -37.12 17.23
CA HIS B 247 -5.60 -36.27 18.38
C HIS B 247 -6.21 -34.89 18.15
N PHE B 248 -6.73 -34.29 19.20
CA PHE B 248 -7.22 -32.91 19.09
C PHE B 248 -6.92 -32.17 20.38
N GLN B 249 -6.05 -31.15 20.30
CA GLN B 249 -5.69 -30.26 21.39
C GLN B 249 -4.83 -30.94 22.45
N ASP B 250 -4.44 -32.20 22.23
CA ASP B 250 -3.60 -33.02 23.10
C ASP B 250 -4.33 -33.52 24.35
N TRP B 251 -5.66 -33.38 24.43
CA TRP B 251 -6.40 -33.81 25.60
C TRP B 251 -7.60 -34.70 25.31
N ARG B 252 -8.07 -34.75 24.07
CA ARG B 252 -9.23 -35.56 23.71
C ARG B 252 -8.99 -36.18 22.33
N CYS B 253 -9.74 -37.25 22.06
CA CYS B 253 -9.61 -37.99 20.81
C CYS B 253 -10.94 -37.86 20.05
N VAL B 254 -11.04 -36.91 19.12
CA VAL B 254 -12.25 -36.75 18.34
C VAL B 254 -12.18 -37.64 17.09
N ASN B 255 -13.35 -37.96 16.54
CA ASN B 255 -13.43 -38.80 15.36
C ASN B 255 -13.18 -37.98 14.09
N PHE B 256 -13.13 -38.67 12.95
CA PHE B 256 -12.90 -37.98 11.69
C PHE B 256 -14.08 -37.09 11.32
N SER B 257 -15.31 -37.59 11.51
CA SER B 257 -16.50 -36.80 11.19
C SER B 257 -16.70 -35.63 12.13
N PHE B 258 -16.08 -35.66 13.31
CA PHE B 258 -16.26 -34.57 14.27
C PHE B 258 -15.52 -33.32 13.82
N CYS B 259 -14.20 -33.41 13.67
CA CYS B 259 -13.42 -32.25 13.23
C CYS B 259 -13.66 -31.90 11.77
N GLN B 260 -14.31 -32.78 10.99
CA GLN B 260 -14.68 -32.40 9.63
C GLN B 260 -15.85 -31.43 9.62
N ASP B 261 -16.82 -31.64 10.52
CA ASP B 261 -17.94 -30.71 10.61
C ASP B 261 -17.51 -29.35 11.13
N LEU B 262 -16.50 -29.32 12.02
CA LEU B 262 -15.98 -28.04 12.48
C LEU B 262 -15.27 -27.29 11.37
N HIS B 263 -14.69 -28.00 10.42
CA HIS B 263 -14.04 -27.36 9.28
C HIS B 263 -15.07 -26.70 8.36
N HIS B 264 -16.25 -27.32 8.23
CA HIS B 264 -17.32 -26.78 7.40
C HIS B 264 -18.23 -25.85 8.19
N LYS B 265 -17.63 -24.86 8.84
CA LYS B 265 -18.35 -23.88 9.65
C LYS B 265 -19.20 -24.55 10.73
N TYR B 277 -10.08 -27.45 9.27
CA TYR B 277 -9.45 -28.63 9.86
C TYR B 277 -9.01 -29.61 8.77
N VAL B 278 -7.73 -29.97 8.81
CA VAL B 278 -7.13 -30.85 7.81
C VAL B 278 -6.31 -31.92 8.52
N ILE B 279 -6.37 -33.14 8.00
CA ILE B 279 -5.69 -34.28 8.62
C ILE B 279 -4.21 -34.20 8.33
N HIS B 280 -3.39 -34.40 9.36
CA HIS B 280 -1.93 -34.42 9.20
C HIS B 280 -1.33 -35.18 10.37
N ASN B 281 -0.60 -36.26 10.07
CA ASN B 281 0.06 -37.08 11.08
C ASN B 281 -0.95 -37.61 12.11
N ASN B 282 -2.03 -38.20 11.61
CA ASN B 282 -3.06 -38.80 12.46
C ASN B 282 -3.65 -37.77 13.42
N LYS B 283 -3.83 -36.55 12.93
CA LYS B 283 -4.38 -35.47 13.75
C LYS B 283 -4.94 -34.40 12.83
N CYS B 284 -6.26 -34.25 12.84
CA CYS B 284 -6.91 -33.22 12.01
C CYS B 284 -6.66 -31.85 12.63
N ILE B 285 -5.62 -31.18 12.15
CA ILE B 285 -5.25 -29.86 12.63
C ILE B 285 -5.94 -28.80 11.76
N PRO B 286 -6.10 -27.56 12.23
CA PRO B 286 -6.80 -26.55 11.40
C PRO B 286 -6.14 -26.30 10.06
N GLU B 287 -4.81 -26.16 10.03
CA GLU B 287 -4.09 -25.85 8.80
C GLU B 287 -2.89 -26.78 8.66
N CYS B 288 -2.54 -27.07 7.41
CA CYS B 288 -1.38 -27.90 7.13
C CYS B 288 -0.10 -27.10 7.44
N PRO B 289 0.98 -27.80 7.79
CA PRO B 289 2.26 -27.09 8.02
C PRO B 289 2.88 -26.58 6.72
N SER B 290 4.07 -26.00 6.81
CA SER B 290 4.73 -25.48 5.62
C SER B 290 5.09 -26.63 4.69
N GLY B 291 4.64 -26.54 3.45
CA GLY B 291 4.89 -27.56 2.46
C GLY B 291 3.79 -28.58 2.30
N TYR B 292 2.57 -28.27 2.72
CA TYR B 292 1.43 -29.17 2.57
C TYR B 292 0.17 -28.34 2.38
N THR B 293 -0.87 -29.00 1.87
CA THR B 293 -2.15 -28.35 1.63
C THR B 293 -3.25 -29.39 1.64
N MET B 294 -4.50 -28.92 1.74
CA MET B 294 -5.64 -29.81 1.74
C MET B 294 -5.90 -30.31 0.32
N ASN B 295 -6.12 -31.61 0.18
CA ASN B 295 -6.46 -32.21 -1.10
C ASN B 295 -7.89 -32.77 -1.05
N SER B 296 -8.69 -32.40 -2.04
CA SER B 296 -10.09 -32.82 -2.09
C SER B 296 -10.27 -34.00 -3.05
N LEU B 299 -9.11 -33.59 2.76
CA LEU B 299 -8.68 -33.13 4.07
C LEU B 299 -7.19 -33.37 4.28
N LEU B 300 -6.75 -34.60 3.98
CA LEU B 300 -5.37 -35.02 4.22
C LEU B 300 -4.39 -33.99 3.65
N CYS B 301 -3.31 -33.74 4.39
CA CYS B 301 -2.27 -32.82 3.93
C CYS B 301 -1.29 -33.58 3.06
N THR B 302 -1.28 -33.26 1.76
CA THR B 302 -0.39 -33.83 0.76
C THR B 302 0.06 -32.69 -0.12
N PRO B 303 1.24 -32.78 -0.76
CA PRO B 303 1.70 -31.64 -1.55
C PRO B 303 1.46 -31.70 -3.06
N CYS B 304 1.76 -32.82 -3.71
CA CYS B 304 1.47 -32.97 -5.13
C CYS B 304 0.86 -34.34 -5.43
N LEU B 305 -0.32 -34.35 -6.03
CA LEU B 305 -0.95 -35.58 -6.51
C LEU B 305 -1.17 -35.41 -8.00
N GLY B 306 -0.48 -36.21 -8.83
CA GLY B 306 -0.55 -36.04 -10.25
C GLY B 306 -0.20 -34.60 -10.59
N PRO B 307 -1.00 -33.96 -11.44
CA PRO B 307 -0.80 -32.53 -11.68
C PRO B 307 -1.20 -31.78 -10.42
N CYS B 308 -0.44 -30.73 -10.07
CA CYS B 308 -0.71 -30.06 -8.81
C CYS B 308 -1.45 -28.74 -9.06
N PRO B 309 -2.76 -28.65 -8.73
CA PRO B 309 -3.49 -27.39 -8.89
C PRO B 309 -3.92 -26.72 -7.58
N LYS B 310 -3.65 -25.43 -7.42
CA LYS B 310 -4.14 -24.69 -6.24
C LYS B 310 -5.21 -23.71 -6.71
N VAL B 311 -6.41 -23.83 -6.14
CA VAL B 311 -7.56 -22.99 -6.52
C VAL B 311 -7.85 -22.03 -5.38
N CYS B 312 -7.66 -20.73 -5.62
CA CYS B 312 -7.93 -19.69 -4.63
C CYS B 312 -9.20 -18.96 -5.01
N HIS B 313 -10.21 -19.04 -4.15
CA HIS B 313 -11.53 -18.48 -4.43
C HIS B 313 -11.62 -17.06 -3.88
N LEU B 314 -12.12 -16.14 -4.70
CA LEU B 314 -12.15 -14.72 -4.36
C LEU B 314 -13.56 -14.30 -3.93
N LEU B 315 -13.61 -13.37 -2.98
CA LEU B 315 -14.88 -12.92 -2.42
C LEU B 315 -15.67 -12.16 -3.48
N GLU B 316 -16.86 -12.67 -3.80
CA GLU B 316 -17.75 -12.08 -4.81
C GLU B 316 -17.06 -11.97 -6.17
N GLY B 317 -16.07 -12.83 -6.42
CA GLY B 317 -15.46 -12.92 -7.72
C GLY B 317 -14.54 -11.78 -8.10
N GLU B 318 -13.99 -11.06 -7.11
CA GLU B 318 -13.08 -9.96 -7.40
C GLU B 318 -12.12 -9.77 -6.23
N LYS B 319 -10.86 -9.47 -6.56
CA LYS B 319 -9.84 -9.18 -5.57
C LYS B 319 -8.92 -8.09 -6.11
N THR B 320 -8.71 -7.03 -5.34
CA THR B 320 -7.89 -5.91 -5.76
C THR B 320 -6.51 -5.99 -5.11
N ILE B 321 -5.47 -5.98 -5.93
CA ILE B 321 -4.10 -5.99 -5.45
C ILE B 321 -3.52 -4.59 -5.58
N ASP B 322 -3.26 -3.93 -4.45
CA ASP B 322 -2.63 -2.62 -4.45
C ASP B 322 -1.30 -2.59 -3.72
N SER B 323 -1.09 -3.46 -2.74
CA SER B 323 0.12 -3.48 -1.93
C SER B 323 0.72 -4.87 -1.93
N VAL B 324 1.94 -4.97 -1.39
CA VAL B 324 2.60 -6.26 -1.20
C VAL B 324 1.68 -7.23 -0.47
N THR B 325 0.98 -6.75 0.55
CA THR B 325 0.11 -7.62 1.35
C THR B 325 -1.02 -8.18 0.51
N SER B 326 -1.61 -7.34 -0.35
CA SER B 326 -2.68 -7.82 -1.23
C SER B 326 -2.16 -8.86 -2.22
N ALA B 327 -0.93 -8.66 -2.71
CA ALA B 327 -0.34 -9.64 -3.62
C ALA B 327 0.03 -10.92 -2.90
N GLN B 328 0.58 -10.81 -1.69
CA GLN B 328 0.99 -11.99 -0.93
C GLN B 328 -0.20 -12.88 -0.59
N GLU B 329 -1.40 -12.29 -0.50
CA GLU B 329 -2.60 -13.11 -0.26
C GLU B 329 -2.86 -14.08 -1.39
N LEU B 330 -2.29 -13.84 -2.58
CA LEU B 330 -2.42 -14.74 -3.73
C LEU B 330 -1.16 -15.55 -3.98
N ARG B 331 -0.25 -15.62 -3.00
CA ARG B 331 1.01 -16.33 -3.17
C ARG B 331 0.74 -17.82 -3.42
N GLY B 332 1.24 -18.32 -4.55
CA GLY B 332 1.07 -19.70 -4.92
C GLY B 332 -0.29 -20.06 -5.49
N CYS B 333 -1.17 -19.08 -5.69
CA CYS B 333 -2.51 -19.33 -6.22
C CYS B 333 -2.41 -19.53 -7.72
N THR B 334 -2.00 -20.74 -8.12
CA THR B 334 -1.81 -21.06 -9.53
C THR B 334 -3.06 -20.76 -10.35
N VAL B 335 -4.24 -21.01 -9.78
CA VAL B 335 -5.51 -20.79 -10.47
C VAL B 335 -6.35 -19.84 -9.64
N ILE B 336 -6.68 -18.69 -10.23
CA ILE B 336 -7.53 -17.69 -9.59
C ILE B 336 -8.96 -17.93 -10.06
N ASN B 337 -9.83 -18.32 -9.14
CA ASN B 337 -11.24 -18.53 -9.45
C ASN B 337 -12.05 -17.24 -9.31
N GLY B 338 -11.54 -16.17 -9.91
CA GLY B 338 -12.22 -14.90 -9.86
C GLY B 338 -11.49 -13.88 -10.70
N SER B 339 -11.94 -12.64 -10.61
CA SER B 339 -11.33 -11.54 -11.34
C SER B 339 -10.29 -10.84 -10.49
N LEU B 340 -9.26 -10.31 -11.14
CA LEU B 340 -8.14 -9.69 -10.46
C LEU B 340 -8.01 -8.23 -10.89
N ILE B 341 -7.90 -7.33 -9.93
CA ILE B 341 -7.68 -5.91 -10.18
C ILE B 341 -6.32 -5.53 -9.62
N ILE B 342 -5.49 -4.88 -10.42
CA ILE B 342 -4.21 -4.36 -9.96
C ILE B 342 -4.32 -2.86 -9.81
N ASN B 343 -4.10 -2.37 -8.58
CA ASN B 343 -4.23 -0.94 -8.30
C ASN B 343 -3.00 -0.39 -7.61
N ILE B 344 -1.81 -0.90 -7.94
CA ILE B 344 -0.60 -0.47 -7.26
C ILE B 344 -0.43 1.04 -7.47
N ARG B 345 -0.13 1.76 -6.38
CA ARG B 345 -0.04 3.21 -6.45
C ARG B 345 1.28 3.64 -5.81
N GLY B 346 1.71 4.84 -6.15
CA GLY B 346 2.97 5.37 -5.64
C GLY B 346 4.12 5.08 -6.59
N GLY B 347 5.24 5.76 -6.35
CA GLY B 347 6.37 5.63 -7.24
C GLY B 347 7.27 4.45 -6.98
N ASN B 348 7.02 3.68 -5.92
CA ASN B 348 7.87 2.57 -5.55
C ASN B 348 7.43 1.32 -6.32
N ASN B 349 8.34 0.75 -7.10
CA ASN B 349 8.03 -0.41 -7.91
C ASN B 349 7.98 -1.67 -7.05
N LEU B 350 6.86 -2.37 -7.10
CA LEU B 350 6.68 -3.62 -6.36
C LEU B 350 6.81 -4.85 -7.25
N ALA B 351 7.38 -4.69 -8.44
CA ALA B 351 7.42 -5.78 -9.42
C ALA B 351 8.10 -7.02 -8.85
N ALA B 352 9.13 -6.83 -8.03
CA ALA B 352 9.82 -7.98 -7.42
C ALA B 352 8.88 -8.74 -6.49
N GLU B 353 8.16 -8.03 -5.63
CA GLU B 353 7.22 -8.70 -4.73
C GLU B 353 6.00 -9.23 -5.47
N LEU B 354 5.58 -8.54 -6.54
CA LEU B 354 4.45 -9.02 -7.32
C LEU B 354 4.79 -10.32 -8.03
N GLU B 355 6.03 -10.46 -8.51
CA GLU B 355 6.43 -11.70 -9.17
C GLU B 355 6.63 -12.83 -8.17
N ALA B 356 7.10 -12.51 -6.96
CA ALA B 356 7.23 -13.54 -5.93
C ALA B 356 5.88 -14.08 -5.49
N ASN B 357 4.82 -13.28 -5.59
CA ASN B 357 3.49 -13.66 -5.12
C ASN B 357 2.54 -14.00 -6.25
N LEU B 358 2.37 -13.11 -7.22
CA LEU B 358 1.47 -13.36 -8.34
C LEU B 358 2.13 -14.17 -9.45
N GLY B 359 3.45 -14.27 -9.47
CA GLY B 359 4.17 -14.89 -10.56
C GLY B 359 3.94 -16.39 -10.73
N LEU B 360 3.14 -17.00 -9.87
CA LEU B 360 2.78 -18.40 -10.01
C LEU B 360 1.38 -18.59 -10.56
N ILE B 361 0.59 -17.52 -10.63
CA ILE B 361 -0.75 -17.61 -11.22
C ILE B 361 -0.63 -17.96 -12.69
N GLU B 362 -1.31 -19.02 -13.11
CA GLU B 362 -1.34 -19.40 -14.51
C GLU B 362 -2.72 -19.32 -15.14
N GLU B 363 -3.78 -19.14 -14.35
CA GLU B 363 -5.12 -18.94 -14.89
C GLU B 363 -5.87 -17.91 -14.06
N ILE B 364 -6.62 -17.06 -14.73
CA ILE B 364 -7.58 -16.17 -14.11
C ILE B 364 -8.96 -16.52 -14.64
N SER B 365 -9.85 -16.98 -13.74
CA SER B 365 -11.17 -17.42 -14.19
C SER B 365 -12.05 -16.25 -14.58
N GLY B 366 -11.82 -15.08 -14.00
CA GLY B 366 -12.54 -13.87 -14.34
C GLY B 366 -11.80 -13.02 -15.34
N TYR B 367 -11.96 -11.70 -15.22
CA TYR B 367 -11.18 -10.77 -16.02
C TYR B 367 -9.92 -10.36 -15.27
N LEU B 368 -9.00 -9.74 -16.00
CA LEU B 368 -7.81 -9.13 -15.42
C LEU B 368 -7.82 -7.65 -15.76
N LYS B 369 -7.76 -6.81 -14.73
CA LYS B 369 -7.80 -5.36 -14.89
C LYS B 369 -6.57 -4.73 -14.23
N ILE B 370 -5.91 -3.83 -14.95
CA ILE B 370 -4.81 -3.05 -14.41
C ILE B 370 -5.22 -1.59 -14.46
N ARG B 371 -5.12 -0.89 -13.33
CA ARG B 371 -5.58 0.49 -13.27
C ARG B 371 -4.67 1.33 -12.38
N ARG B 372 -4.37 2.55 -12.82
CA ARG B 372 -3.60 3.52 -12.03
C ARG B 372 -2.27 2.94 -11.55
N SER B 373 -1.60 2.17 -12.42
CA SER B 373 -0.30 1.60 -12.10
C SER B 373 0.80 2.63 -12.39
N TYR B 374 0.98 3.52 -11.40
CA TYR B 374 1.96 4.61 -11.56
C TYR B 374 3.37 4.09 -11.79
N ALA B 375 3.77 3.04 -11.08
CA ALA B 375 5.14 2.57 -11.11
C ALA B 375 5.34 1.31 -11.93
N LEU B 376 4.33 0.44 -12.00
CA LEU B 376 4.47 -0.84 -12.68
C LEU B 376 4.78 -0.62 -14.15
N VAL B 377 6.02 -0.87 -14.56
CA VAL B 377 6.41 -0.69 -15.95
C VAL B 377 6.10 -1.92 -16.80
N SER B 378 5.85 -3.07 -16.19
CA SER B 378 5.64 -4.29 -16.94
C SER B 378 4.69 -5.21 -16.18
N LEU B 379 3.82 -5.88 -16.92
CA LEU B 379 2.95 -6.92 -16.37
C LEU B 379 3.63 -8.28 -16.33
N SER B 380 4.91 -8.36 -16.69
CA SER B 380 5.63 -9.63 -16.75
C SER B 380 5.78 -10.28 -15.38
N PHE B 381 5.45 -9.58 -14.29
CA PHE B 381 5.43 -10.22 -12.98
C PHE B 381 4.38 -11.32 -12.92
N PHE B 382 3.40 -11.33 -13.82
CA PHE B 382 2.58 -12.51 -14.06
C PHE B 382 3.41 -13.53 -14.84
N ARG B 383 4.41 -14.10 -14.16
CA ARG B 383 5.48 -14.84 -14.83
C ARG B 383 4.96 -16.00 -15.68
N LYS B 384 3.84 -16.61 -15.30
CA LYS B 384 3.35 -17.75 -16.05
C LYS B 384 1.83 -17.70 -16.27
N LEU B 385 1.25 -16.51 -16.28
CA LEU B 385 -0.18 -16.37 -16.57
C LEU B 385 -0.42 -16.71 -18.04
N ARG B 386 -1.04 -17.85 -18.31
CA ARG B 386 -1.28 -18.32 -19.66
C ARG B 386 -2.72 -18.20 -20.12
N LEU B 387 -3.67 -17.97 -19.22
CA LEU B 387 -5.07 -18.00 -19.59
C LEU B 387 -5.87 -16.98 -18.78
N ILE B 388 -6.80 -16.31 -19.45
CA ILE B 388 -7.80 -15.47 -18.80
C ILE B 388 -9.15 -15.98 -19.30
N ARG B 389 -9.80 -16.82 -18.50
CA ARG B 389 -11.01 -17.49 -18.96
C ARG B 389 -12.15 -16.51 -19.20
N GLY B 390 -12.16 -15.38 -18.50
CA GLY B 390 -13.22 -14.40 -18.68
C GLY B 390 -14.61 -14.91 -18.40
N GLU B 391 -14.75 -15.87 -17.48
CA GLU B 391 -16.07 -16.38 -17.13
C GLU B 391 -16.93 -15.26 -16.55
N THR B 392 -16.39 -14.50 -15.61
CA THR B 392 -16.90 -13.18 -15.27
C THR B 392 -16.11 -12.13 -16.02
N LEU B 393 -16.80 -11.06 -16.42
CA LEU B 393 -16.20 -10.02 -17.24
C LEU B 393 -16.41 -8.66 -16.62
N GLU B 394 -15.47 -7.75 -16.88
CA GLU B 394 -15.66 -6.35 -16.53
C GLU B 394 -16.74 -5.74 -17.43
N ILE B 395 -17.51 -4.82 -16.86
CA ILE B 395 -18.66 -4.27 -17.57
C ILE B 395 -18.21 -3.70 -18.91
N GLY B 396 -18.93 -4.07 -19.97
CA GLY B 396 -18.45 -3.93 -21.32
C GLY B 396 -17.92 -5.21 -21.93
N ASN B 397 -18.12 -6.35 -21.28
CA ASN B 397 -17.70 -7.66 -21.78
C ASN B 397 -16.19 -7.73 -22.00
N TYR B 398 -15.42 -7.01 -21.19
CA TYR B 398 -13.97 -7.03 -21.27
C TYR B 398 -13.41 -8.16 -20.43
N SER B 399 -12.41 -8.86 -20.98
CA SER B 399 -11.65 -9.86 -20.23
C SER B 399 -10.29 -9.37 -19.78
N PHE B 400 -9.67 -8.47 -20.54
CA PHE B 400 -8.47 -7.76 -20.10
C PHE B 400 -8.77 -6.27 -20.13
N TYR B 401 -8.38 -5.58 -19.07
CA TYR B 401 -8.70 -4.17 -18.90
C TYR B 401 -7.45 -3.44 -18.44
N ALA B 402 -7.11 -2.34 -19.10
CA ALA B 402 -5.94 -1.55 -18.74
C ALA B 402 -6.29 -0.07 -18.88
N LEU B 403 -6.22 0.65 -17.76
CA LEU B 403 -6.65 2.04 -17.73
C LEU B 403 -5.70 2.85 -16.86
N ASP B 404 -5.27 4.01 -17.37
CA ASP B 404 -4.56 5.04 -16.63
C ASP B 404 -3.22 4.57 -16.07
N ASN B 405 -2.68 3.44 -16.52
CA ASN B 405 -1.35 2.99 -16.07
C ASN B 405 -0.32 4.00 -16.57
N GLN B 406 0.20 4.83 -15.66
CA GLN B 406 1.07 5.94 -16.05
C GLN B 406 2.39 5.48 -16.66
N ASN B 407 3.04 4.45 -16.10
CA ASN B 407 4.38 4.08 -16.57
C ASN B 407 4.44 2.69 -17.18
N LEU B 408 3.30 2.06 -17.44
CA LEU B 408 3.31 0.75 -18.07
C LEU B 408 3.96 0.84 -19.44
N ARG B 409 5.12 0.20 -19.60
CA ARG B 409 5.86 0.25 -20.86
C ARG B 409 5.68 -1.00 -21.70
N GLN B 410 5.44 -2.14 -21.08
CA GLN B 410 5.23 -3.38 -21.81
C GLN B 410 4.28 -4.28 -21.04
N LEU B 411 3.66 -5.19 -21.79
CA LEU B 411 2.83 -6.25 -21.22
C LEU B 411 3.73 -7.44 -20.89
N TRP B 412 3.30 -8.64 -21.27
CA TRP B 412 4.21 -9.76 -21.23
C TRP B 412 5.14 -9.71 -22.44
N ASP B 413 6.28 -10.38 -22.32
CA ASP B 413 7.23 -10.49 -23.41
C ASP B 413 6.67 -11.49 -24.41
N TRP B 414 5.91 -10.99 -25.38
CA TRP B 414 5.23 -11.84 -26.34
C TRP B 414 6.18 -12.63 -27.22
N SER B 415 7.47 -12.27 -27.23
CA SER B 415 8.46 -13.14 -27.87
C SER B 415 8.56 -14.48 -27.16
N LYS B 416 8.31 -14.50 -25.84
CA LYS B 416 8.33 -15.71 -25.04
C LYS B 416 6.96 -16.14 -24.58
N HIS B 417 6.18 -15.20 -24.02
CA HIS B 417 5.01 -15.56 -23.23
C HIS B 417 3.78 -15.80 -24.10
N ASN B 418 2.88 -16.64 -23.59
CA ASN B 418 1.59 -16.89 -24.20
C ASN B 418 0.49 -16.58 -23.20
N LEU B 419 -0.62 -16.04 -23.71
CA LEU B 419 -1.77 -15.72 -22.85
C LEU B 419 -3.01 -15.74 -23.73
N THR B 420 -3.78 -16.81 -23.62
CA THR B 420 -5.04 -16.95 -24.34
C THR B 420 -6.17 -16.37 -23.49
N ILE B 421 -7.14 -15.77 -24.18
CA ILE B 421 -8.40 -15.36 -23.57
C ILE B 421 -9.53 -16.19 -24.14
N THR B 422 -10.24 -16.93 -23.27
CA THR B 422 -11.31 -17.80 -23.74
C THR B 422 -12.51 -16.99 -24.26
N GLN B 423 -12.81 -15.87 -23.63
CA GLN B 423 -13.91 -15.01 -24.07
C GLN B 423 -13.64 -13.59 -23.56
N GLY B 424 -14.46 -12.66 -24.02
CA GLY B 424 -14.34 -11.28 -23.58
C GLY B 424 -13.39 -10.47 -24.44
N LYS B 425 -13.58 -9.15 -24.40
CA LYS B 425 -12.84 -8.21 -25.21
C LYS B 425 -11.59 -7.69 -24.49
N LEU B 426 -10.77 -6.95 -25.24
CA LEU B 426 -9.63 -6.23 -24.70
C LEU B 426 -9.95 -4.76 -24.52
N PHE B 427 -9.36 -4.16 -23.51
CA PHE B 427 -9.56 -2.74 -23.22
C PHE B 427 -8.21 -2.10 -22.93
N PHE B 428 -7.91 -0.99 -23.59
CA PHE B 428 -6.68 -0.24 -23.34
C PHE B 428 -6.98 1.24 -23.51
N HIS B 429 -6.77 2.02 -22.46
CA HIS B 429 -6.95 3.45 -22.52
C HIS B 429 -5.96 4.14 -21.59
N TYR B 430 -5.43 5.27 -22.05
CA TYR B 430 -4.61 6.17 -21.23
C TYR B 430 -3.39 5.46 -20.63
N ASN B 431 -2.81 4.52 -21.39
CA ASN B 431 -1.53 3.95 -21.02
C ASN B 431 -0.43 4.70 -21.77
N PRO B 432 0.15 5.75 -21.18
CA PRO B 432 0.93 6.70 -21.98
C PRO B 432 2.20 6.09 -22.57
N LYS B 433 2.87 5.20 -21.86
CA LYS B 433 4.14 4.66 -22.32
C LYS B 433 4.03 3.26 -22.91
N LEU B 434 2.83 2.67 -22.91
CA LEU B 434 2.61 1.34 -23.46
C LEU B 434 2.33 1.50 -24.95
N CYS B 435 3.32 1.17 -25.78
CA CYS B 435 3.14 1.31 -27.22
C CYS B 435 2.10 0.33 -27.74
N LEU B 436 1.36 0.77 -28.77
CA LEU B 436 0.33 -0.06 -29.37
C LEU B 436 0.91 -1.34 -29.98
N SER B 437 2.21 -1.38 -30.26
CA SER B 437 2.83 -2.60 -30.75
C SER B 437 2.67 -3.74 -29.74
N GLU B 438 2.89 -3.45 -28.46
CA GLU B 438 2.68 -4.46 -27.43
C GLU B 438 1.21 -4.85 -27.33
N ILE B 439 0.31 -3.88 -27.50
CA ILE B 439 -1.12 -4.16 -27.41
C ILE B 439 -1.58 -5.00 -28.60
N HIS B 440 -1.14 -4.64 -29.81
CA HIS B 440 -1.59 -5.37 -31.00
C HIS B 440 -1.07 -6.80 -31.00
N LYS B 441 0.14 -7.02 -30.49
CA LYS B 441 0.63 -8.39 -30.34
C LYS B 441 -0.22 -9.19 -29.36
N MET B 442 -0.76 -8.53 -28.34
CA MET B 442 -1.65 -9.22 -27.41
C MET B 442 -2.96 -9.62 -28.08
N GLU B 443 -3.51 -8.75 -28.93
CA GLU B 443 -4.74 -9.07 -29.64
C GLU B 443 -4.60 -10.34 -30.46
N GLU B 444 -3.40 -10.62 -30.98
CA GLU B 444 -3.16 -11.81 -31.78
C GLU B 444 -2.85 -13.03 -30.92
N VAL B 445 -2.09 -12.85 -29.84
CA VAL B 445 -1.80 -13.97 -28.94
C VAL B 445 -3.04 -14.37 -28.16
N SER B 446 -3.84 -13.40 -27.72
CA SER B 446 -4.98 -13.68 -26.87
C SER B 446 -6.16 -14.31 -27.61
N GLY B 447 -6.08 -14.45 -28.93
CA GLY B 447 -7.17 -15.00 -29.70
C GLY B 447 -8.35 -14.07 -29.91
N THR B 448 -8.34 -12.88 -29.32
CA THR B 448 -9.43 -11.93 -29.53
C THR B 448 -9.53 -11.54 -30.99
N LYS B 449 -8.40 -11.24 -31.62
CA LYS B 449 -8.40 -10.97 -33.07
C LYS B 449 -8.77 -12.22 -33.85
N GLY B 450 -8.42 -13.41 -33.34
CA GLY B 450 -8.81 -14.64 -33.99
C GLY B 450 -10.29 -14.95 -33.91
N ARG B 451 -11.04 -14.21 -33.09
CA ARG B 451 -12.50 -14.28 -33.07
C ARG B 451 -13.12 -12.90 -33.27
N GLN B 452 -12.35 -11.95 -33.79
CA GLN B 452 -12.87 -10.65 -34.24
C GLN B 452 -13.54 -9.87 -33.11
N GLU B 453 -12.95 -9.94 -31.91
CA GLU B 453 -13.46 -9.16 -30.80
C GLU B 453 -13.26 -7.66 -31.07
N ARG B 454 -14.32 -6.88 -30.92
CA ARG B 454 -14.26 -5.42 -31.09
C ARG B 454 -13.58 -4.81 -29.86
N ASN B 455 -12.27 -5.00 -29.79
CA ASN B 455 -11.50 -4.52 -28.65
C ASN B 455 -11.53 -3.00 -28.57
N ASP B 456 -11.83 -2.48 -27.38
CA ASP B 456 -11.86 -1.03 -27.16
C ASP B 456 -10.46 -0.56 -26.77
N ILE B 457 -9.62 -0.40 -27.80
CA ILE B 457 -8.25 0.08 -27.64
C ILE B 457 -8.17 1.45 -28.27
N ALA B 458 -7.99 2.48 -27.43
CA ALA B 458 -7.93 3.85 -27.90
C ALA B 458 -6.60 4.10 -28.60
N LEU B 459 -6.65 4.30 -29.92
CA LEU B 459 -5.45 4.36 -30.74
C LEU B 459 -4.54 5.53 -30.38
N LYS B 460 -5.06 6.58 -29.75
CA LYS B 460 -4.27 7.77 -29.46
C LYS B 460 -4.30 8.13 -27.98
N THR B 461 -4.49 7.15 -27.11
CA THR B 461 -4.24 7.33 -25.68
C THR B 461 -3.21 6.34 -25.14
N ASN B 462 -2.83 5.33 -25.92
CA ASN B 462 -1.85 4.33 -25.51
C ASN B 462 -0.59 4.51 -26.35
N GLY B 463 0.54 4.74 -25.69
CA GLY B 463 1.80 4.86 -26.39
C GLY B 463 2.00 6.17 -27.11
N ASP B 464 1.23 7.20 -26.79
CA ASP B 464 1.46 8.51 -27.39
C ASP B 464 2.78 9.11 -26.92
N GLN B 465 3.15 8.89 -25.66
CA GLN B 465 4.38 9.44 -25.13
C GLN B 465 5.62 8.70 -25.60
N ALA B 466 5.46 7.58 -26.31
CA ALA B 466 6.59 6.77 -26.77
C ALA B 466 6.55 6.69 -28.28
N SER B 467 7.68 7.03 -28.92
CA SER B 467 7.85 6.88 -30.35
C SER B 467 8.31 5.46 -30.65
N CYS B 468 7.53 4.73 -31.46
CA CYS B 468 7.82 3.34 -31.75
C CYS B 468 8.18 3.11 -33.22
N GLU B 469 8.66 4.15 -33.91
CA GLU B 469 9.10 4.00 -35.28
C GLU B 469 10.18 2.92 -35.37
N ASN B 470 9.89 1.85 -36.10
CA ASN B 470 10.78 0.70 -36.18
C ASN B 470 11.72 0.73 -37.38
N GLU B 471 11.30 1.35 -38.49
CA GLU B 471 12.20 1.51 -39.61
C GLU B 471 13.16 2.67 -39.37
N LEU B 472 14.18 2.79 -40.22
CA LEU B 472 15.25 3.74 -40.02
C LEU B 472 15.37 4.68 -41.21
N LEU B 473 15.70 5.93 -40.93
CA LEU B 473 16.04 6.92 -41.94
C LEU B 473 17.49 7.34 -41.76
N LYS B 474 18.24 7.39 -42.85
CA LYS B 474 19.63 7.79 -42.82
C LYS B 474 19.80 9.09 -43.60
N PHE B 475 20.53 10.04 -43.03
CA PHE B 475 20.77 11.33 -43.67
C PHE B 475 21.77 11.15 -44.80
N SER B 476 21.26 11.11 -46.04
CA SER B 476 22.12 10.85 -47.19
C SER B 476 23.15 11.96 -47.40
N TYR B 477 22.78 13.21 -47.11
CA TYR B 477 23.62 14.35 -47.49
C TYR B 477 23.45 15.46 -46.47
N ILE B 478 24.57 15.91 -45.90
CA ILE B 478 24.60 17.01 -44.96
C ILE B 478 25.44 18.14 -45.54
N ARG B 479 24.91 19.36 -45.47
CA ARG B 479 25.65 20.57 -45.83
C ARG B 479 25.28 21.67 -44.87
N THR B 480 26.28 22.41 -44.40
CA THR B 480 26.10 23.37 -43.32
C THR B 480 26.65 24.73 -43.70
N SER B 481 26.15 25.76 -43.02
CA SER B 481 26.57 27.14 -43.21
C SER B 481 26.72 27.79 -41.84
N PHE B 482 27.18 29.04 -41.84
CA PHE B 482 27.32 29.77 -40.58
C PHE B 482 25.96 30.00 -39.92
N ASP B 483 24.89 30.06 -40.72
CA ASP B 483 23.55 30.30 -40.22
C ASP B 483 22.56 29.21 -40.56
N LYS B 484 22.89 28.31 -41.49
CA LYS B 484 21.96 27.33 -42.01
C LYS B 484 22.62 25.96 -42.05
N ILE B 485 21.78 24.92 -42.02
CA ILE B 485 22.21 23.55 -42.26
C ILE B 485 21.23 22.92 -43.25
N LEU B 486 21.76 22.47 -44.38
CA LEU B 486 20.97 21.78 -45.39
C LEU B 486 21.14 20.28 -45.20
N LEU B 487 20.04 19.57 -44.96
CA LEU B 487 20.05 18.13 -44.74
C LEU B 487 19.18 17.43 -45.77
N ARG B 488 19.63 16.27 -46.20
CA ARG B 488 18.81 15.34 -46.98
C ARG B 488 18.95 13.95 -46.38
N TRP B 489 17.87 13.17 -46.46
CA TRP B 489 17.87 11.81 -45.96
C TRP B 489 17.27 10.89 -47.01
N GLU B 490 17.46 9.58 -46.80
CA GLU B 490 16.97 8.58 -47.74
C GLU B 490 15.45 8.68 -47.88
N PRO B 491 14.93 8.40 -49.07
CA PRO B 491 13.48 8.43 -49.25
C PRO B 491 12.80 7.33 -48.46
N TYR B 492 11.57 7.61 -48.03
CA TYR B 492 10.75 6.63 -47.33
C TYR B 492 9.31 6.76 -47.78
N TRP B 493 8.65 5.60 -47.90
CA TRP B 493 7.22 5.54 -48.16
C TRP B 493 6.70 4.28 -47.49
N PRO B 494 5.57 4.36 -46.80
CA PRO B 494 4.93 3.15 -46.26
C PRO B 494 4.54 2.20 -47.37
N PRO B 495 4.07 0.99 -47.04
CA PRO B 495 3.54 0.11 -48.10
C PRO B 495 2.55 0.79 -49.01
N ASP B 496 1.77 1.74 -48.50
CA ASP B 496 0.98 2.67 -49.31
C ASP B 496 1.54 4.07 -49.07
N PHE B 497 2.07 4.69 -50.13
CA PHE B 497 2.65 6.02 -49.99
C PHE B 497 1.62 7.06 -49.56
N ARG B 498 0.34 6.81 -49.83
CA ARG B 498 -0.71 7.74 -49.40
C ARG B 498 -0.83 7.80 -47.88
N ASP B 499 -0.39 6.76 -47.17
CA ASP B 499 -0.39 6.79 -45.71
C ASP B 499 0.69 7.67 -45.12
N LEU B 500 1.59 8.20 -45.96
CA LEU B 500 2.62 9.12 -45.49
C LEU B 500 2.05 10.53 -45.46
N LEU B 501 1.84 11.07 -44.26
CA LEU B 501 1.39 12.45 -44.12
C LEU B 501 2.52 13.45 -44.24
N GLY B 502 3.76 13.01 -44.07
CA GLY B 502 4.91 13.88 -44.18
C GLY B 502 6.00 13.42 -43.24
N PHE B 503 7.02 14.26 -43.11
CA PHE B 503 8.12 14.03 -42.17
C PHE B 503 8.05 15.05 -41.05
N MET B 504 8.92 14.86 -40.06
CA MET B 504 9.03 15.77 -38.92
C MET B 504 10.50 15.86 -38.55
N LEU B 505 11.10 17.02 -38.80
CA LEU B 505 12.51 17.23 -38.49
C LEU B 505 12.63 17.86 -37.10
N PHE B 506 13.32 17.17 -36.20
CA PHE B 506 13.56 17.66 -34.85
C PHE B 506 15.00 18.15 -34.76
N TYR B 507 15.20 19.40 -34.34
CA TYR B 507 16.54 19.93 -34.13
C TYR B 507 16.57 20.69 -32.82
N LYS B 508 17.77 20.73 -32.22
CA LYS B 508 17.96 21.30 -30.90
C LYS B 508 19.44 21.57 -30.71
N GLU B 509 19.76 22.58 -29.90
CA GLU B 509 21.14 22.84 -29.53
C GLU B 509 21.72 21.64 -28.79
N ALA B 510 22.99 21.33 -29.07
CA ALA B 510 23.68 20.19 -28.45
C ALA B 510 25.14 20.55 -28.23
N PRO B 511 25.44 21.38 -27.22
CA PRO B 511 26.84 21.67 -26.91
C PRO B 511 27.65 20.43 -26.54
N TYR B 512 27.00 19.43 -25.97
CA TYR B 512 27.59 18.11 -25.74
C TYR B 512 26.76 17.06 -26.49
N GLN B 513 27.44 16.11 -27.12
CA GLN B 513 26.75 15.06 -27.87
C GLN B 513 26.19 13.96 -26.97
N ASN B 514 25.57 14.34 -25.85
CA ASN B 514 24.96 13.42 -24.92
C ASN B 514 23.44 13.38 -25.04
N VAL B 515 22.88 14.02 -26.07
CA VAL B 515 21.44 14.16 -26.18
C VAL B 515 20.78 12.78 -26.30
N THR B 516 19.97 12.43 -25.31
CA THR B 516 19.23 11.18 -25.35
C THR B 516 18.14 11.25 -26.42
N GLU B 517 17.68 10.08 -26.84
CA GLU B 517 16.68 10.00 -27.90
C GLU B 517 15.38 10.68 -27.47
N PHE B 518 14.63 11.15 -28.47
CA PHE B 518 13.32 11.71 -28.23
C PHE B 518 12.38 10.65 -27.68
N ASP B 519 11.87 10.87 -26.48
CA ASP B 519 11.01 9.93 -25.78
C ASP B 519 9.65 10.53 -25.48
N GLY B 520 9.11 11.30 -26.43
CA GLY B 520 7.81 11.91 -26.27
C GLY B 520 7.75 13.09 -25.32
N GLN B 521 8.86 13.45 -24.69
CA GLN B 521 8.89 14.58 -23.77
C GLN B 521 10.13 15.45 -23.97
N ASP B 522 10.78 15.34 -25.12
CA ASP B 522 12.01 16.08 -25.45
C ASP B 522 13.07 15.67 -24.43
N ALA B 523 13.81 16.59 -23.83
CA ALA B 523 14.87 16.27 -22.89
C ALA B 523 14.64 17.02 -21.59
N CYS B 524 15.28 16.54 -20.53
CA CYS B 524 15.16 17.22 -19.23
C CYS B 524 15.86 18.58 -19.25
N GLY B 525 16.95 18.71 -20.00
CA GLY B 525 17.59 20.01 -20.13
C GLY B 525 16.64 21.05 -20.70
N SER B 526 16.88 22.31 -20.33
CA SER B 526 16.00 23.39 -20.76
C SER B 526 15.84 23.45 -22.27
N ASN B 527 16.88 23.07 -23.01
CA ASN B 527 16.77 23.00 -24.46
C ASN B 527 15.75 21.95 -24.87
N SER B 528 14.88 22.29 -25.81
CA SER B 528 13.81 21.42 -26.26
C SER B 528 13.91 21.22 -27.77
N TRP B 529 13.44 20.05 -28.22
CA TRP B 529 13.42 19.76 -29.64
C TRP B 529 12.50 20.74 -30.37
N THR B 530 12.98 21.25 -31.50
CA THR B 530 12.19 22.13 -32.35
C THR B 530 11.57 21.27 -33.46
N VAL B 531 10.26 21.14 -33.44
CA VAL B 531 9.55 20.27 -34.36
C VAL B 531 9.21 21.05 -35.62
N VAL B 532 9.70 20.56 -36.77
CA VAL B 532 9.41 21.15 -38.07
C VAL B 532 8.67 20.10 -38.89
N ASP B 533 7.40 20.36 -39.18
CA ASP B 533 6.64 19.49 -40.06
C ASP B 533 7.07 19.69 -41.50
N ILE B 534 7.18 18.59 -42.25
CA ILE B 534 7.69 18.60 -43.61
C ILE B 534 6.72 17.78 -44.47
N ASP B 535 6.04 18.44 -45.40
CA ASP B 535 5.17 17.74 -46.32
C ASP B 535 6.00 16.84 -47.23
N PRO B 536 5.46 15.68 -47.62
CA PRO B 536 6.28 14.67 -48.30
C PRO B 536 6.61 15.10 -49.72
N PRO B 537 7.71 14.59 -50.28
CA PRO B 537 8.07 14.96 -51.66
C PRO B 537 7.15 14.35 -52.70
N LEU B 538 7.37 14.69 -53.97
CA LEU B 538 6.55 14.21 -55.06
C LEU B 538 6.93 12.78 -55.43
N ARG B 539 5.94 11.88 -55.47
CA ARG B 539 6.14 10.55 -56.00
C ARG B 539 6.47 10.63 -57.49
N SER B 540 7.70 10.25 -57.86
CA SER B 540 8.18 10.52 -59.20
C SER B 540 9.08 9.40 -59.67
N ASN B 541 9.42 9.45 -60.96
CA ASN B 541 10.41 8.61 -61.65
C ASN B 541 10.34 7.13 -61.27
N ASP B 542 11.50 6.48 -61.19
CA ASP B 542 11.60 5.05 -61.02
C ASP B 542 11.00 4.61 -59.68
N PRO B 543 10.67 3.33 -59.55
CA PRO B 543 10.31 2.80 -58.22
C PRO B 543 11.44 2.84 -57.22
N LYS B 544 12.65 3.21 -57.64
CA LYS B 544 13.73 3.50 -56.71
C LYS B 544 13.43 4.70 -55.83
N SER B 545 12.42 5.50 -56.19
CA SER B 545 12.06 6.72 -55.46
C SER B 545 13.24 7.69 -55.40
N GLN B 546 13.68 8.11 -56.58
CA GLN B 546 14.83 9.00 -56.70
C GLN B 546 14.42 10.45 -56.38
N ASN B 547 13.91 10.63 -55.15
CA ASN B 547 13.54 11.94 -54.64
C ASN B 547 13.89 11.95 -53.15
N HIS B 548 15.17 12.18 -52.86
CA HIS B 548 15.63 12.24 -51.48
C HIS B 548 15.06 13.48 -50.80
N PRO B 549 14.18 13.34 -49.81
CA PRO B 549 13.62 14.53 -49.15
C PRO B 549 14.70 15.32 -48.42
N GLY B 550 14.42 16.60 -48.20
CA GLY B 550 15.39 17.46 -47.55
C GLY B 550 14.73 18.67 -46.92
N TRP B 551 15.49 19.33 -46.06
CA TRP B 551 15.03 20.53 -45.40
C TRP B 551 16.23 21.46 -45.18
N LEU B 552 15.95 22.76 -45.18
CA LEU B 552 16.96 23.79 -44.95
C LEU B 552 16.60 24.56 -43.68
N MET B 553 17.27 24.23 -42.58
CA MET B 553 17.14 25.00 -41.34
C MET B 553 17.90 26.31 -41.47
N ARG B 554 17.33 27.38 -40.91
CA ARG B 554 17.86 28.72 -41.15
C ARG B 554 18.01 29.58 -39.90
N GLY B 555 17.29 29.30 -38.82
CA GLY B 555 17.33 30.17 -37.65
C GLY B 555 18.46 29.88 -36.68
N LEU B 556 19.60 29.43 -37.19
CA LEU B 556 20.66 28.87 -36.38
C LEU B 556 21.77 29.88 -36.14
N LYS B 557 22.61 29.57 -35.13
CA LYS B 557 23.68 30.40 -34.60
C LYS B 557 25.05 29.83 -34.99
N PRO B 558 26.02 30.69 -35.33
CA PRO B 558 27.36 30.18 -35.65
C PRO B 558 28.02 29.53 -34.45
N TRP B 559 29.10 28.78 -34.74
CA TRP B 559 29.88 28.01 -33.77
C TRP B 559 29.08 26.88 -33.12
N THR B 560 27.77 26.83 -33.36
CA THR B 560 26.88 26.05 -32.53
C THR B 560 26.68 24.65 -33.09
N GLN B 561 26.71 23.66 -32.21
CA GLN B 561 26.45 22.28 -32.58
C GLN B 561 24.98 21.96 -32.33
N TYR B 562 24.35 21.29 -33.29
CA TYR B 562 22.93 20.99 -33.21
C TYR B 562 22.70 19.48 -33.37
N ALA B 563 21.85 18.94 -32.50
CA ALA B 563 21.37 17.57 -32.66
C ALA B 563 20.14 17.59 -33.55
N ILE B 564 20.15 16.75 -34.60
CA ILE B 564 19.05 16.68 -35.55
C ILE B 564 18.67 15.22 -35.77
N PHE B 565 17.37 14.96 -35.86
CA PHE B 565 16.87 13.70 -36.40
C PHE B 565 15.54 13.98 -37.09
N VAL B 566 15.15 13.07 -37.96
CA VAL B 566 13.89 13.18 -38.71
C VAL B 566 13.00 12.00 -38.36
N LYS B 567 11.72 12.29 -38.13
CA LYS B 567 10.71 11.27 -37.91
C LYS B 567 9.66 11.36 -39.01
N THR B 568 9.10 10.21 -39.37
CA THR B 568 7.98 10.19 -40.31
C THR B 568 6.68 10.55 -39.61
N LEU B 569 5.69 10.93 -40.41
CA LEU B 569 4.33 11.17 -39.94
C LEU B 569 3.40 10.37 -40.84
N VAL B 570 2.78 9.33 -40.30
CA VAL B 570 2.15 8.29 -41.10
C VAL B 570 0.75 8.03 -40.56
N THR B 571 -0.19 7.77 -41.46
CA THR B 571 -1.57 7.45 -41.10
C THR B 571 -1.63 6.01 -40.58
N PHE B 572 -1.94 5.87 -39.30
CA PHE B 572 -2.17 4.54 -38.74
C PHE B 572 -3.52 4.00 -39.21
N SER B 573 -3.61 2.68 -39.32
CA SER B 573 -4.79 2.02 -39.86
C SER B 573 -4.74 0.55 -39.45
N ASP B 574 -5.79 -0.19 -39.82
CA ASP B 574 -5.81 -1.64 -39.67
C ASP B 574 -4.97 -2.35 -40.72
N GLU B 575 -4.16 -1.60 -41.49
CA GLU B 575 -3.07 -2.23 -42.23
C GLU B 575 -2.02 -2.82 -41.28
N ARG B 576 -1.92 -2.26 -40.08
CA ARG B 576 -1.19 -2.84 -38.95
C ARG B 576 0.32 -2.89 -39.16
N ARG B 577 0.86 -2.16 -40.14
CA ARG B 577 2.29 -2.15 -40.37
C ARG B 577 2.87 -0.78 -40.67
N THR B 578 2.05 0.27 -40.77
CA THR B 578 2.52 1.62 -41.07
C THR B 578 3.05 2.31 -39.81
N TYR B 579 4.06 1.68 -39.19
CA TYR B 579 4.64 2.22 -37.97
C TYR B 579 5.56 3.42 -38.23
N GLY B 580 6.05 3.58 -39.45
CA GLY B 580 6.89 4.71 -39.79
C GLY B 580 8.36 4.46 -39.51
N ALA B 581 9.17 5.45 -39.86
CA ALA B 581 10.62 5.38 -39.73
C ALA B 581 11.13 6.59 -38.95
N LYS B 582 12.31 6.42 -38.37
CA LYS B 582 12.93 7.47 -37.58
C LYS B 582 14.44 7.40 -37.76
N SER B 583 15.08 8.57 -37.76
CA SER B 583 16.54 8.66 -37.85
C SER B 583 17.16 8.58 -36.46
N ASP B 584 18.44 8.19 -36.44
CA ASP B 584 19.24 8.41 -35.25
C ASP B 584 19.64 9.88 -35.15
N ILE B 585 20.01 10.29 -33.94
CA ILE B 585 20.41 11.68 -33.73
C ILE B 585 21.78 11.92 -34.33
N ILE B 586 21.91 12.99 -35.13
CA ILE B 586 23.19 13.41 -35.69
C ILE B 586 23.50 14.79 -35.15
N TYR B 587 24.78 15.05 -34.89
CA TYR B 587 25.21 16.26 -34.22
C TYR B 587 25.96 17.16 -35.20
N VAL B 588 25.19 17.75 -36.12
CA VAL B 588 25.78 18.65 -37.11
C VAL B 588 26.17 19.97 -36.44
N GLN B 589 27.17 20.64 -37.00
CA GLN B 589 27.64 21.93 -36.50
C GLN B 589 27.57 22.96 -37.61
N THR B 590 27.31 24.21 -37.22
CA THR B 590 27.33 25.33 -38.14
C THR B 590 28.75 25.87 -38.30
N ASP B 591 28.93 26.71 -39.33
CA ASP B 591 30.20 27.37 -39.55
C ASP B 591 30.35 28.54 -38.58
N ALA B 592 31.56 29.11 -38.54
CA ALA B 592 31.89 30.20 -37.64
C ALA B 592 32.27 31.43 -38.45
N THR B 593 31.53 32.51 -38.26
CA THR B 593 31.78 33.77 -38.94
C THR B 593 31.90 34.89 -37.92
N ASN B 594 32.71 35.89 -38.25
CA ASN B 594 33.10 36.95 -37.32
C ASN B 594 31.91 37.57 -36.57
N CYS C 304 -15.13 55.94 -26.64
CA CYS C 304 -16.54 56.26 -26.54
C CYS C 304 -16.87 56.78 -25.15
N LEU C 305 -18.05 57.39 -25.01
CA LEU C 305 -18.66 57.56 -23.71
C LEU C 305 -19.57 56.36 -23.45
N GLY C 306 -19.35 55.68 -22.33
CA GLY C 306 -19.94 54.38 -22.11
C GLY C 306 -19.11 53.31 -22.78
N PRO C 307 -19.21 52.07 -22.30
CA PRO C 307 -18.35 51.01 -22.83
C PRO C 307 -18.67 50.67 -24.28
N CYS C 308 -17.62 50.43 -25.07
CA CYS C 308 -17.76 49.99 -26.46
C CYS C 308 -16.63 49.03 -26.79
N PRO C 309 -16.63 47.85 -26.16
CA PRO C 309 -15.51 46.92 -26.37
C PRO C 309 -15.51 46.32 -27.77
N LYS C 310 -14.34 45.85 -28.17
CA LYS C 310 -14.18 45.17 -29.45
C LYS C 310 -14.64 43.72 -29.28
N VAL C 311 -15.92 43.47 -29.55
CA VAL C 311 -16.47 42.13 -29.49
C VAL C 311 -16.04 41.38 -30.75
N CYS C 312 -15.40 40.23 -30.58
CA CYS C 312 -14.99 39.37 -31.67
C CYS C 312 -15.85 38.11 -31.66
N HIS C 313 -16.61 37.90 -32.74
CA HIS C 313 -17.56 36.80 -32.81
C HIS C 313 -16.90 35.58 -33.43
N LEU C 314 -17.08 34.43 -32.79
CA LEU C 314 -16.41 33.20 -33.20
C LEU C 314 -17.36 32.29 -33.97
N LEU C 315 -16.79 31.58 -34.94
CA LEU C 315 -17.58 30.72 -35.81
C LEU C 315 -18.16 29.55 -35.01
N GLU C 316 -19.49 29.47 -34.98
CA GLU C 316 -20.21 28.43 -34.24
C GLU C 316 -19.85 28.44 -32.75
N GLY C 317 -19.42 29.59 -32.24
CA GLY C 317 -19.18 29.76 -30.82
C GLY C 317 -17.95 29.08 -30.27
N GLU C 318 -16.95 28.79 -31.10
CA GLU C 318 -15.74 28.15 -30.63
C GLU C 318 -14.57 28.56 -31.53
N LYS C 319 -13.40 28.77 -30.91
CA LYS C 319 -12.18 29.07 -31.64
C LYS C 319 -11.01 28.38 -30.94
N THR C 320 -10.22 27.64 -31.71
CA THR C 320 -9.07 26.89 -31.17
C THR C 320 -7.80 27.69 -31.41
N ILE C 321 -7.11 28.04 -30.33
CA ILE C 321 -5.82 28.72 -30.40
C ILE C 321 -4.72 27.67 -30.27
N ASP C 322 -4.06 27.36 -31.38
CA ASP C 322 -2.96 26.40 -31.38
C ASP C 322 -1.60 27.06 -31.46
N SER C 323 -1.43 28.05 -32.34
CA SER C 323 -0.13 28.68 -32.55
C SER C 323 -0.21 30.19 -32.41
N VAL C 324 0.85 30.89 -32.82
CA VAL C 324 0.87 32.35 -32.78
C VAL C 324 -0.21 32.93 -33.69
N THR C 325 -0.39 32.34 -34.88
CA THR C 325 -1.37 32.86 -35.83
C THR C 325 -2.78 32.75 -35.29
N SER C 326 -3.10 31.62 -34.64
CA SER C 326 -4.42 31.46 -34.04
C SER C 326 -4.65 32.44 -32.90
N ALA C 327 -3.59 32.77 -32.15
CA ALA C 327 -3.72 33.77 -31.08
C ALA C 327 -3.81 35.17 -31.65
N GLN C 328 -3.01 35.48 -32.68
CA GLN C 328 -3.02 36.82 -33.27
C GLN C 328 -4.38 37.15 -33.87
N GLU C 329 -5.15 36.15 -34.28
CA GLU C 329 -6.50 36.39 -34.78
C GLU C 329 -7.41 37.00 -33.71
N LEU C 330 -7.05 36.86 -32.44
CA LEU C 330 -7.80 37.45 -31.34
C LEU C 330 -7.11 38.68 -30.75
N ARG C 331 -6.14 39.25 -31.46
CA ARG C 331 -5.41 40.40 -30.96
C ARG C 331 -6.34 41.59 -30.73
N GLY C 332 -6.37 42.09 -29.49
CA GLY C 332 -7.20 43.20 -29.14
C GLY C 332 -8.66 42.88 -28.93
N CYS C 333 -9.05 41.61 -28.99
CA CYS C 333 -10.44 41.19 -28.81
C CYS C 333 -10.78 41.22 -27.32
N THR C 334 -11.03 42.43 -26.82
CA THR C 334 -11.27 42.61 -25.39
C THR C 334 -12.47 41.82 -24.89
N VAL C 335 -13.41 41.48 -25.78
CA VAL C 335 -14.53 40.62 -25.45
C VAL C 335 -14.61 39.50 -26.48
N ILE C 336 -14.67 38.26 -26.01
CA ILE C 336 -14.82 37.10 -26.87
C ILE C 336 -16.28 36.64 -26.77
N ASN C 337 -17.02 36.75 -27.87
CA ASN C 337 -18.41 36.30 -27.91
C ASN C 337 -18.50 34.82 -28.28
N GLY C 338 -17.71 34.00 -27.60
CA GLY C 338 -17.71 32.58 -27.86
C GLY C 338 -16.80 31.85 -26.90
N SER C 339 -16.63 30.56 -27.14
CA SER C 339 -15.76 29.74 -26.31
C SER C 339 -14.35 29.68 -26.90
N LEU C 340 -13.36 29.54 -26.03
CA LEU C 340 -11.96 29.55 -26.44
C LEU C 340 -11.31 28.23 -26.05
N ILE C 341 -10.66 27.58 -27.02
CA ILE C 341 -9.89 26.36 -26.79
C ILE C 341 -8.42 26.69 -27.01
N ILE C 342 -7.58 26.40 -26.03
CA ILE C 342 -6.13 26.59 -26.18
C ILE C 342 -5.48 25.21 -26.28
N ASN C 343 -4.81 24.97 -27.41
CA ASN C 343 -4.19 23.68 -27.69
C ASN C 343 -2.74 23.86 -28.14
N ILE C 344 -1.96 24.66 -27.40
CA ILE C 344 -0.60 24.96 -27.85
C ILE C 344 0.21 23.66 -27.92
N ARG C 345 0.91 23.47 -29.02
CA ARG C 345 1.72 22.28 -29.25
C ARG C 345 3.19 22.67 -29.40
N GLY C 346 4.08 21.75 -29.05
CA GLY C 346 5.50 21.98 -29.25
C GLY C 346 6.22 22.50 -28.02
N GLY C 347 7.38 21.93 -27.72
CA GLY C 347 8.23 22.35 -26.61
C GLY C 347 8.64 23.81 -26.57
N ASN C 348 8.10 24.63 -27.47
CA ASN C 348 8.45 26.04 -27.55
C ASN C 348 7.34 26.86 -26.89
N ASN C 349 7.72 27.64 -25.88
CA ASN C 349 6.75 28.43 -25.13
C ASN C 349 6.36 29.67 -25.92
N LEU C 350 5.06 29.87 -26.11
CA LEU C 350 4.54 31.02 -26.85
C LEU C 350 3.87 32.03 -25.91
N ALA C 351 4.18 31.95 -24.62
CA ALA C 351 3.52 32.81 -23.63
C ALA C 351 3.68 34.28 -23.96
N ALA C 352 4.84 34.67 -24.52
CA ALA C 352 5.06 36.06 -24.89
C ALA C 352 4.11 36.49 -26.00
N GLU C 353 3.98 35.66 -27.04
CA GLU C 353 3.06 35.98 -28.13
C GLU C 353 1.60 35.84 -27.70
N LEU C 354 1.31 34.88 -26.80
CA LEU C 354 -0.05 34.73 -26.30
C LEU C 354 -0.48 35.95 -25.49
N GLU C 355 0.44 36.53 -24.72
CA GLU C 355 0.10 37.71 -23.93
C GLU C 355 -0.02 38.95 -24.81
N ALA C 356 0.77 39.04 -25.88
CA ALA C 356 0.67 40.16 -26.80
C ALA C 356 -0.67 40.14 -27.55
N ASN C 357 -1.25 38.96 -27.74
CA ASN C 357 -2.47 38.80 -28.52
C ASN C 357 -3.70 38.55 -27.66
N LEU C 358 -3.65 37.53 -26.79
CA LEU C 358 -4.78 37.22 -25.94
C LEU C 358 -4.82 38.06 -24.66
N GLY C 359 -3.71 38.71 -24.31
CA GLY C 359 -3.59 39.42 -23.05
C GLY C 359 -4.48 40.64 -22.90
N LEU C 360 -5.27 40.97 -23.91
CA LEU C 360 -6.24 42.06 -23.81
C LEU C 360 -7.66 41.56 -23.63
N ILE C 361 -7.90 40.26 -23.80
CA ILE C 361 -9.22 39.69 -23.56
C ILE C 361 -9.59 39.84 -22.09
N GLU C 362 -10.73 40.45 -21.82
CA GLU C 362 -11.23 40.57 -20.46
C GLU C 362 -12.53 39.83 -20.20
N GLU C 363 -13.20 39.33 -21.24
CA GLU C 363 -14.40 38.52 -21.07
C GLU C 363 -14.41 37.40 -22.10
N ILE C 364 -14.84 36.22 -21.67
CA ILE C 364 -15.14 35.10 -22.55
C ILE C 364 -16.61 34.76 -22.37
N SER C 365 -17.39 34.92 -23.43
CA SER C 365 -18.83 34.69 -23.33
C SER C 365 -19.16 33.21 -23.21
N GLY C 366 -18.32 32.35 -23.75
CA GLY C 366 -18.49 30.92 -23.64
C GLY C 366 -17.66 30.32 -22.51
N TYR C 367 -17.21 29.09 -22.72
CA TYR C 367 -16.28 28.48 -21.79
C TYR C 367 -14.84 28.75 -22.20
N LEU C 368 -13.92 28.48 -21.28
CA LEU C 368 -12.49 28.52 -21.56
C LEU C 368 -11.91 27.14 -21.29
N LYS C 369 -11.27 26.56 -22.29
CA LYS C 369 -10.69 25.23 -22.19
C LYS C 369 -9.21 25.27 -22.54
N ILE C 370 -8.38 24.69 -21.68
CA ILE C 370 -6.96 24.51 -21.96
C ILE C 370 -6.70 23.01 -22.01
N ARG C 371 -6.47 22.47 -23.21
CA ARG C 371 -6.30 21.03 -23.37
C ARG C 371 -5.00 20.74 -24.11
N ARG C 372 -4.22 19.80 -23.59
CA ARG C 372 -2.97 19.36 -24.22
C ARG C 372 -2.02 20.53 -24.50
N SER C 373 -1.93 21.47 -23.56
CA SER C 373 -0.96 22.57 -23.67
C SER C 373 0.34 22.12 -23.03
N TYR C 374 1.38 21.94 -23.83
CA TYR C 374 2.63 21.38 -23.34
C TYR C 374 3.54 22.45 -22.76
N ALA C 375 3.95 23.42 -23.58
CA ALA C 375 4.96 24.39 -23.15
C ALA C 375 4.39 25.50 -22.27
N LEU C 376 3.08 25.60 -22.13
CA LEU C 376 2.46 26.70 -21.40
C LEU C 376 2.52 26.39 -19.90
N VAL C 377 3.41 27.09 -19.19
CA VAL C 377 3.53 26.89 -17.75
C VAL C 377 2.54 27.72 -16.96
N SER C 378 1.94 28.74 -17.57
CA SER C 378 1.04 29.64 -16.86
C SER C 378 -0.02 30.18 -17.81
N LEU C 379 -1.24 30.30 -17.29
CA LEU C 379 -2.33 30.95 -18.00
C LEU C 379 -2.35 32.45 -17.82
N SER C 380 -1.34 33.02 -17.15
CA SER C 380 -1.29 34.45 -16.88
C SER C 380 -1.16 35.29 -18.14
N PHE C 381 -0.91 34.67 -19.30
CA PHE C 381 -0.94 35.43 -20.54
C PHE C 381 -2.32 35.98 -20.84
N PHE C 382 -3.38 35.44 -20.21
CA PHE C 382 -4.66 36.11 -20.14
C PHE C 382 -4.55 37.27 -19.15
N ARG C 383 -3.80 38.30 -19.54
CA ARG C 383 -3.34 39.32 -18.59
C ARG C 383 -4.48 40.02 -17.86
N LYS C 384 -5.65 40.15 -18.50
CA LYS C 384 -6.75 40.85 -17.85
C LYS C 384 -8.08 40.14 -18.02
N LEU C 385 -8.06 38.83 -18.21
CA LEU C 385 -9.32 38.07 -18.29
C LEU C 385 -9.98 38.05 -16.92
N ARG C 386 -11.09 38.78 -16.79
CA ARG C 386 -11.78 38.91 -15.51
C ARG C 386 -13.09 38.13 -15.44
N LEU C 387 -13.62 37.65 -16.55
CA LEU C 387 -14.94 37.03 -16.54
C LEU C 387 -14.99 35.91 -17.57
N ILE C 388 -15.65 34.81 -17.18
CA ILE C 388 -16.02 33.72 -18.08
C ILE C 388 -17.52 33.54 -17.92
N ARG C 389 -18.29 34.12 -18.84
CA ARG C 389 -19.75 34.14 -18.67
C ARG C 389 -20.35 32.76 -18.76
N GLY C 390 -19.71 31.84 -19.48
CA GLY C 390 -20.22 30.48 -19.60
C GLY C 390 -21.60 30.39 -20.22
N GLU C 391 -21.95 31.33 -21.10
CA GLU C 391 -23.26 31.27 -21.76
C GLU C 391 -23.38 29.99 -22.57
N THR C 392 -22.38 29.67 -23.37
CA THR C 392 -22.17 28.32 -23.88
C THR C 392 -21.17 27.60 -22.98
N LEU C 393 -21.38 26.30 -22.81
CA LEU C 393 -20.57 25.51 -21.89
C LEU C 393 -20.02 24.28 -22.59
N GLU C 394 -18.85 23.83 -22.13
CA GLU C 394 -18.32 22.56 -22.56
C GLU C 394 -19.18 21.43 -21.98
N ILE C 395 -19.32 20.35 -22.76
CA ILE C 395 -20.23 19.27 -22.38
C ILE C 395 -19.87 18.77 -20.99
N GLY C 396 -20.89 18.64 -20.15
CA GLY C 396 -20.69 18.54 -18.72
C GLY C 396 -20.94 19.82 -17.95
N ASN C 397 -21.48 20.85 -18.60
CA ASN C 397 -21.79 22.13 -17.97
C ASN C 397 -20.56 22.80 -17.37
N TYR C 398 -19.40 22.58 -17.98
CA TYR C 398 -18.16 23.21 -17.53
C TYR C 398 -17.99 24.58 -18.16
N SER C 399 -17.54 25.54 -17.36
CA SER C 399 -17.19 26.86 -17.85
C SER C 399 -15.68 27.06 -17.97
N PHE C 400 -14.89 26.42 -17.10
CA PHE C 400 -13.45 26.34 -17.26
C PHE C 400 -13.06 24.89 -17.35
N TYR C 401 -12.18 24.57 -18.30
CA TYR C 401 -11.79 23.20 -18.58
C TYR C 401 -10.29 23.14 -18.74
N ALA C 402 -9.65 22.21 -18.04
CA ALA C 402 -8.19 22.04 -18.12
C ALA C 402 -7.88 20.55 -18.13
N LEU C 403 -7.27 20.09 -19.21
CA LEU C 403 -7.02 18.66 -19.40
C LEU C 403 -5.65 18.46 -20.03
N ASP C 404 -4.87 17.52 -19.46
CA ASP C 404 -3.64 17.01 -20.04
C ASP C 404 -2.57 18.09 -20.23
N ASN C 405 -2.69 19.24 -19.57
CA ASN C 405 -1.69 20.30 -19.72
C ASN C 405 -0.41 19.89 -19.01
N GLN C 406 0.63 19.57 -19.78
CA GLN C 406 1.74 18.80 -19.25
C GLN C 406 2.67 19.60 -18.35
N ASN C 407 2.88 20.89 -18.64
CA ASN C 407 3.78 21.71 -17.84
C ASN C 407 3.09 22.89 -17.19
N LEU C 408 1.76 22.90 -17.17
CA LEU C 408 1.04 23.99 -16.51
C LEU C 408 1.34 23.99 -15.01
N ARG C 409 2.03 25.03 -14.54
CA ARG C 409 2.42 25.13 -13.15
C ARG C 409 1.45 25.99 -12.34
N GLN C 410 0.93 27.06 -12.95
CA GLN C 410 0.06 27.98 -12.25
C GLN C 410 -1.01 28.48 -13.21
N LEU C 411 -2.11 28.94 -12.62
CA LEU C 411 -3.18 29.61 -13.35
C LEU C 411 -2.85 31.10 -13.40
N TRP C 412 -3.84 31.95 -13.12
CA TRP C 412 -3.54 33.35 -12.89
C TRP C 412 -2.96 33.52 -11.49
N ASP C 413 -2.25 34.63 -11.30
CA ASP C 413 -1.71 34.97 -9.99
C ASP C 413 -2.84 35.50 -9.14
N TRP C 414 -3.49 34.57 -8.41
CA TRP C 414 -4.66 34.91 -7.62
C TRP C 414 -4.37 35.90 -6.50
N SER C 415 -3.09 36.13 -6.18
CA SER C 415 -2.74 37.23 -5.29
C SER C 415 -3.10 38.57 -5.91
N LYS C 416 -3.04 38.67 -7.24
CA LYS C 416 -3.38 39.88 -7.97
C LYS C 416 -4.68 39.74 -8.75
N HIS C 417 -4.84 38.65 -9.52
CA HIS C 417 -5.84 38.59 -10.57
C HIS C 417 -7.20 38.17 -10.02
N ASN C 418 -8.25 38.60 -10.72
CA ASN C 418 -9.61 38.21 -10.43
C ASN C 418 -10.23 37.60 -11.69
N LEU C 419 -11.06 36.57 -11.50
CA LEU C 419 -11.73 35.92 -12.62
C LEU C 419 -13.01 35.29 -12.10
N THR C 420 -14.14 35.95 -12.36
CA THR C 420 -15.44 35.42 -11.97
C THR C 420 -16.00 34.56 -13.10
N ILE C 421 -16.71 33.51 -12.71
CA ILE C 421 -17.49 32.70 -13.64
C ILE C 421 -18.98 32.89 -13.33
N THR C 422 -19.73 33.37 -14.32
CA THR C 422 -21.15 33.62 -14.11
C THR C 422 -21.95 32.33 -13.94
N GLN C 423 -21.57 31.28 -14.68
CA GLN C 423 -22.23 29.99 -14.54
C GLN C 423 -21.27 28.91 -15.02
N GLY C 424 -21.66 27.66 -14.81
CA GLY C 424 -20.85 26.54 -15.25
C GLY C 424 -19.85 26.09 -14.21
N LYS C 425 -19.42 24.83 -14.34
CA LYS C 425 -18.53 24.19 -13.39
C LYS C 425 -17.06 24.35 -13.80
N LEU C 426 -16.18 23.93 -12.88
CA LEU C 426 -14.75 23.86 -13.15
C LEU C 426 -14.34 22.41 -13.45
N PHE C 427 -13.33 22.27 -14.31
CA PHE C 427 -12.81 20.96 -14.67
C PHE C 427 -11.29 21.00 -14.65
N PHE C 428 -10.69 20.04 -13.96
CA PHE C 428 -9.22 19.93 -13.91
C PHE C 428 -8.86 18.45 -13.87
N HIS C 429 -8.11 17.99 -14.87
CA HIS C 429 -7.64 16.61 -14.90
C HIS C 429 -6.27 16.55 -15.57
N TYR C 430 -5.42 15.68 -15.04
CA TYR C 430 -4.13 15.34 -15.66
C TYR C 430 -3.25 16.57 -15.89
N ASN C 431 -3.31 17.54 -14.99
CA ASN C 431 -2.36 18.65 -14.99
C ASN C 431 -1.23 18.34 -14.01
N PRO C 432 -0.14 17.73 -14.47
CA PRO C 432 0.81 17.12 -13.52
C PRO C 432 1.51 18.13 -12.63
N LYS C 433 1.82 19.32 -13.15
CA LYS C 433 2.53 20.32 -12.36
C LYS C 433 1.60 21.23 -11.60
N LEU C 434 0.38 21.44 -12.10
CA LEU C 434 -0.54 22.40 -11.48
C LEU C 434 -0.95 21.88 -10.11
N CYS C 435 -0.70 22.67 -9.08
CA CYS C 435 -1.00 22.25 -7.72
C CYS C 435 -2.50 22.34 -7.41
N LEU C 436 -2.93 21.53 -6.44
CA LEU C 436 -4.32 21.58 -6.00
C LEU C 436 -4.64 22.96 -5.42
N SER C 437 -3.69 23.53 -4.67
CA SER C 437 -3.92 24.84 -4.05
C SER C 437 -4.19 25.89 -5.10
N GLU C 438 -3.46 25.84 -6.22
CA GLU C 438 -3.67 26.80 -7.30
C GLU C 438 -5.09 26.69 -7.83
N ILE C 439 -5.62 25.47 -7.89
CA ILE C 439 -6.96 25.25 -8.42
C ILE C 439 -8.00 25.65 -7.37
N HIS C 440 -7.76 25.30 -6.11
CA HIS C 440 -8.73 25.58 -5.05
C HIS C 440 -8.93 27.07 -4.88
N LYS C 441 -7.86 27.86 -5.05
CA LYS C 441 -8.00 29.31 -5.03
C LYS C 441 -8.88 29.81 -6.17
N MET C 442 -8.84 29.13 -7.32
CA MET C 442 -9.72 29.50 -8.42
C MET C 442 -11.18 29.21 -8.09
N GLU C 443 -11.44 28.08 -7.44
CA GLU C 443 -12.81 27.75 -7.05
C GLU C 443 -13.43 28.83 -6.18
N GLU C 444 -12.62 29.51 -5.38
CA GLU C 444 -13.12 30.56 -4.49
C GLU C 444 -13.21 31.91 -5.19
N VAL C 445 -12.23 32.22 -6.05
CA VAL C 445 -12.28 33.48 -6.79
C VAL C 445 -13.38 33.43 -7.86
N SER C 446 -13.55 32.29 -8.52
CA SER C 446 -14.49 32.18 -9.63
C SER C 446 -15.95 32.14 -9.19
N GLY C 447 -16.22 32.11 -7.88
CA GLY C 447 -17.58 32.03 -7.39
C GLY C 447 -18.23 30.68 -7.53
N THR C 448 -17.56 29.70 -8.13
CA THR C 448 -18.14 28.36 -8.24
C THR C 448 -18.36 27.76 -6.86
N LYS C 449 -17.37 27.88 -5.96
CA LYS C 449 -17.56 27.44 -4.59
C LYS C 449 -18.61 28.28 -3.88
N GLY C 450 -18.72 29.56 -4.24
CA GLY C 450 -19.74 30.42 -3.67
C GLY C 450 -21.15 30.07 -4.11
N ARG C 451 -21.30 29.21 -5.12
CA ARG C 451 -22.60 28.66 -5.50
C ARG C 451 -22.57 27.13 -5.52
N GLN C 452 -21.58 26.53 -4.85
CA GLN C 452 -21.56 25.08 -4.58
C GLN C 452 -21.56 24.26 -5.87
N GLU C 453 -20.82 24.73 -6.87
CA GLU C 453 -20.68 23.97 -8.11
C GLU C 453 -19.89 22.69 -7.84
N ARG C 454 -20.44 21.56 -8.30
CA ARG C 454 -19.77 20.26 -8.15
C ARG C 454 -18.65 20.16 -9.18
N ASN C 455 -17.58 20.90 -8.92
CA ASN C 455 -16.46 20.96 -9.84
C ASN C 455 -15.79 19.60 -9.96
N ASP C 456 -15.54 19.16 -11.19
CA ASP C 456 -14.87 17.89 -11.46
C ASP C 456 -13.37 18.14 -11.50
N ILE C 457 -12.76 18.16 -10.31
CA ILE C 457 -11.33 18.36 -10.14
C ILE C 457 -10.80 17.18 -9.34
N ALA C 458 -10.22 16.20 -10.03
CA ALA C 458 -9.70 15.01 -9.38
C ALA C 458 -8.39 15.32 -8.68
N LEU C 459 -8.31 14.96 -7.39
CA LEU C 459 -7.12 15.29 -6.61
C LEU C 459 -5.91 14.49 -7.12
N LYS C 460 -6.14 13.22 -7.46
CA LYS C 460 -5.06 12.35 -7.91
C LYS C 460 -4.44 12.81 -9.23
N THR C 461 -5.26 13.36 -10.14
CA THR C 461 -4.78 13.67 -11.48
C THR C 461 -4.00 14.97 -11.56
N ASN C 462 -4.19 15.89 -10.63
CA ASN C 462 -3.50 17.17 -10.66
C ASN C 462 -2.44 17.22 -9.56
N GLY C 463 -1.44 18.06 -9.77
CA GLY C 463 -0.36 18.20 -8.80
C GLY C 463 0.37 16.90 -8.53
N ASP C 464 0.61 16.10 -9.57
CA ASP C 464 1.41 14.90 -9.40
C ASP C 464 2.86 15.23 -9.07
N GLN C 465 3.44 16.20 -9.77
CA GLN C 465 4.86 16.53 -9.58
C GLN C 465 5.08 17.63 -8.54
N ALA C 466 4.12 18.53 -8.39
CA ALA C 466 4.30 19.70 -7.53
C ALA C 466 4.32 19.30 -6.06
N SER C 467 4.75 20.25 -5.23
CA SER C 467 4.73 20.11 -3.78
C SER C 467 4.14 21.38 -3.18
N CYS C 468 3.13 21.22 -2.31
CA CYS C 468 2.43 22.34 -1.70
C CYS C 468 2.27 22.15 -0.20
N GLU C 469 3.39 21.89 0.49
CA GLU C 469 3.36 21.69 1.93
C GLU C 469 3.61 23.04 2.60
N ASN C 470 2.54 23.65 3.14
CA ASN C 470 2.69 24.93 3.82
C ASN C 470 3.49 24.78 5.11
N GLU C 471 3.27 23.70 5.85
CA GLU C 471 4.03 23.46 7.07
C GLU C 471 5.44 23.01 6.73
N LEU C 472 6.39 23.40 7.60
CA LEU C 472 7.79 23.09 7.43
C LEU C 472 8.29 22.27 8.61
N LEU C 473 8.91 21.13 8.32
CA LEU C 473 9.50 20.29 9.35
C LEU C 473 10.94 20.72 9.62
N LYS C 474 11.30 20.74 10.89
CA LYS C 474 12.65 21.10 11.31
C LYS C 474 13.24 19.96 12.14
N PHE C 475 14.45 19.53 11.77
CA PHE C 475 15.15 18.48 12.49
C PHE C 475 15.71 19.03 13.79
N SER C 476 15.40 18.35 14.90
CA SER C 476 15.91 18.74 16.22
C SER C 476 17.04 17.86 16.71
N TYR C 477 17.40 16.80 15.99
CA TYR C 477 18.42 15.86 16.44
C TYR C 477 19.06 15.21 15.23
N ILE C 478 20.38 15.38 15.09
CA ILE C 478 21.11 14.77 13.98
C ILE C 478 22.40 14.14 14.52
N ARG C 479 22.30 12.90 14.98
CA ARG C 479 23.49 12.17 15.40
C ARG C 479 24.04 11.40 14.21
N THR C 480 25.37 11.24 14.17
CA THR C 480 26.02 10.67 13.00
C THR C 480 27.00 9.56 13.39
N SER C 481 26.92 8.45 12.66
CA SER C 481 27.87 7.35 12.76
C SER C 481 28.40 7.07 11.35
N PHE C 482 29.38 6.18 11.26
CA PHE C 482 30.01 5.94 9.96
C PHE C 482 29.07 5.25 8.99
N ASP C 483 28.10 4.48 9.50
CA ASP C 483 27.17 3.76 8.65
C ASP C 483 25.72 3.93 9.04
N LYS C 484 25.41 4.72 10.08
CA LYS C 484 24.04 4.93 10.52
C LYS C 484 23.88 6.37 11.02
N ILE C 485 22.80 7.02 10.61
CA ILE C 485 22.46 8.36 11.07
C ILE C 485 21.14 8.31 11.82
N LEU C 486 21.12 8.86 13.02
CA LEU C 486 19.90 8.96 13.82
C LEU C 486 19.34 10.37 13.69
N LEU C 487 18.12 10.47 13.16
CA LEU C 487 17.46 11.76 12.99
C LEU C 487 16.22 11.84 13.87
N ARG C 488 15.87 13.06 14.27
CA ARG C 488 14.63 13.35 14.97
C ARG C 488 14.16 14.73 14.52
N TRP C 489 12.98 14.79 13.92
CA TRP C 489 12.40 16.05 13.50
C TRP C 489 11.34 16.49 14.51
N GLU C 490 10.80 17.69 14.28
CA GLU C 490 9.76 18.22 15.15
C GLU C 490 8.53 17.31 15.13
N PRO C 491 7.74 17.31 16.19
CA PRO C 491 6.44 16.64 16.14
C PRO C 491 5.48 17.40 15.24
N TYR C 492 4.85 16.69 14.31
CA TYR C 492 3.84 17.27 13.43
C TYR C 492 2.56 16.45 13.51
N TRP C 493 1.44 17.15 13.58
CA TRP C 493 0.13 16.53 13.61
C TRP C 493 -0.85 17.38 12.83
N PRO C 494 -1.63 16.80 11.94
CA PRO C 494 -2.76 17.52 11.33
C PRO C 494 -3.79 17.84 12.39
N PRO C 495 -4.78 18.72 12.09
CA PRO C 495 -5.88 18.95 13.03
C PRO C 495 -6.37 17.65 13.64
N ASP C 496 -6.63 16.65 12.78
CA ASP C 496 -6.98 15.32 13.24
C ASP C 496 -5.72 14.47 13.12
N PHE C 497 -5.25 13.94 14.26
CA PHE C 497 -3.98 13.22 14.27
C PHE C 497 -4.02 11.94 13.46
N ARG C 498 -5.22 11.36 13.27
CA ARG C 498 -5.34 10.13 12.50
C ARG C 498 -5.10 10.35 11.01
N ASP C 499 -5.17 11.60 10.53
CA ASP C 499 -4.86 11.87 9.14
C ASP C 499 -3.39 11.68 8.83
N LEU C 500 -2.52 11.68 9.84
CA LEU C 500 -1.11 11.34 9.64
C LEU C 500 -1.01 9.83 9.49
N LEU C 501 -1.05 9.36 8.24
CA LEU C 501 -0.83 7.95 7.98
C LEU C 501 0.61 7.54 8.22
N GLY C 502 1.52 8.49 8.28
CA GLY C 502 2.92 8.19 8.54
C GLY C 502 3.80 9.27 7.97
N PHE C 503 5.10 9.11 8.22
CA PHE C 503 6.12 9.93 7.59
C PHE C 503 6.77 9.17 6.44
N MET C 504 7.57 9.88 5.66
CA MET C 504 8.36 9.28 4.59
C MET C 504 9.69 10.00 4.52
N LEU C 505 10.76 9.34 4.95
CA LEU C 505 12.09 9.89 4.84
C LEU C 505 12.59 9.80 3.41
N PHE C 506 13.42 10.78 3.02
CA PHE C 506 14.02 10.81 1.69
C PHE C 506 15.47 11.23 1.86
N TYR C 507 16.41 10.29 1.74
CA TYR C 507 17.83 10.58 1.86
C TYR C 507 18.56 10.11 0.60
N LYS C 508 19.36 11.01 0.03
CA LYS C 508 20.18 10.72 -1.15
C LYS C 508 21.59 11.20 -0.89
N GLU C 509 22.57 10.34 -1.16
CA GLU C 509 23.96 10.76 -1.08
C GLU C 509 24.23 11.83 -2.13
N ALA C 510 24.78 12.96 -1.70
CA ALA C 510 24.94 14.12 -2.55
C ALA C 510 26.41 14.45 -2.75
N PRO C 511 26.90 14.55 -3.98
CA PRO C 511 28.27 15.03 -4.17
C PRO C 511 28.45 16.49 -3.78
N TYR C 512 27.46 17.33 -4.07
CA TYR C 512 27.48 18.74 -3.71
C TYR C 512 26.14 19.11 -3.09
N GLN C 513 26.15 20.21 -2.33
CA GLN C 513 24.96 20.68 -1.61
C GLN C 513 24.09 21.55 -2.52
N ASN C 514 23.64 20.95 -3.62
CA ASN C 514 22.80 21.63 -4.60
C ASN C 514 21.58 20.81 -5.00
N VAL C 515 21.29 19.72 -4.29
CA VAL C 515 20.17 18.86 -4.66
C VAL C 515 18.85 19.57 -4.32
N THR C 516 17.87 19.39 -5.20
CA THR C 516 16.54 19.96 -5.01
C THR C 516 15.50 18.85 -4.96
N GLU C 517 14.51 19.01 -4.09
CA GLU C 517 13.47 17.99 -3.96
C GLU C 517 12.67 17.82 -5.24
N PHE C 518 12.38 18.93 -5.93
CA PHE C 518 11.64 18.85 -7.19
C PHE C 518 12.39 18.05 -8.22
N ASP C 519 13.72 18.16 -8.24
CA ASP C 519 14.53 17.29 -9.09
C ASP C 519 14.38 15.85 -8.63
N GLY C 520 14.18 14.95 -9.57
CA GLY C 520 13.89 13.57 -9.24
C GLY C 520 12.42 13.28 -9.04
N GLN C 521 11.76 14.09 -8.20
CA GLN C 521 10.31 13.95 -8.03
C GLN C 521 9.57 14.24 -9.33
N ASP C 522 10.02 15.25 -10.08
CA ASP C 522 9.43 15.55 -11.37
C ASP C 522 9.85 14.50 -12.40
N ALA C 523 9.11 14.44 -13.50
CA ALA C 523 9.42 13.49 -14.56
C ALA C 523 10.73 13.82 -15.26
N CYS C 524 11.13 15.10 -15.21
CA CYS C 524 12.38 15.53 -15.84
C CYS C 524 13.55 14.67 -15.40
N GLY C 525 13.73 14.52 -14.09
CA GLY C 525 14.81 13.73 -13.53
C GLY C 525 14.27 12.46 -12.88
N SER C 526 14.97 11.35 -13.10
CA SER C 526 14.61 10.13 -12.41
C SER C 526 14.72 10.32 -10.90
N ASN C 527 13.79 9.73 -10.16
CA ASN C 527 13.75 9.92 -8.71
C ASN C 527 15.05 9.45 -8.06
N SER C 528 15.68 10.36 -7.31
CA SER C 528 16.94 10.07 -6.65
C SER C 528 16.78 10.38 -5.16
N TRP C 529 16.00 9.54 -4.49
CA TRP C 529 15.82 9.60 -3.05
C TRP C 529 15.48 8.20 -2.55
N THR C 530 15.77 7.95 -1.28
CA THR C 530 15.44 6.68 -0.64
C THR C 530 14.13 6.88 0.12
N VAL C 531 13.04 6.36 -0.45
CA VAL C 531 11.71 6.56 0.12
C VAL C 531 11.50 5.59 1.27
N VAL C 532 12.00 5.94 2.46
CA VAL C 532 11.82 5.14 3.67
C VAL C 532 10.54 5.63 4.33
N ASP C 533 9.44 4.89 4.14
CA ASP C 533 8.18 5.22 4.80
C ASP C 533 8.27 4.87 6.27
N ILE C 534 7.63 5.69 7.11
CA ILE C 534 7.76 5.60 8.55
C ILE C 534 6.38 5.60 9.18
N ASP C 535 6.18 4.72 10.16
CA ASP C 535 4.90 4.63 10.85
C ASP C 535 4.63 5.90 11.65
N PRO C 536 3.36 6.22 11.89
CA PRO C 536 3.06 7.39 12.73
C PRO C 536 3.39 7.11 14.18
N PRO C 537 3.80 8.12 14.93
CA PRO C 537 4.15 7.91 16.35
C PRO C 537 2.92 7.73 17.22
N LEU C 538 3.10 7.03 18.33
CA LEU C 538 2.06 6.87 19.33
C LEU C 538 1.81 8.22 20.00
N ARG C 539 0.70 8.87 19.65
CA ARG C 539 0.46 10.24 20.08
C ARG C 539 0.25 10.31 21.59
N SER C 540 0.76 11.39 22.19
CA SER C 540 0.50 11.70 23.59
C SER C 540 -0.68 12.65 23.70
N ASN C 541 -1.42 12.53 24.80
CA ASN C 541 -2.49 13.49 25.08
C ASN C 541 -1.91 14.88 25.34
N ASP C 542 -0.87 14.97 26.15
CA ASP C 542 -0.23 16.25 26.44
C ASP C 542 0.51 16.74 25.21
N PRO C 543 0.20 17.92 24.68
CA PRO C 543 0.98 18.44 23.55
C PRO C 543 2.44 18.70 23.89
N LYS C 544 2.74 19.06 25.13
CA LYS C 544 4.11 19.24 25.57
C LYS C 544 4.82 17.92 25.85
N SER C 545 4.14 16.79 25.73
CA SER C 545 4.75 15.47 25.86
C SER C 545 4.78 14.72 24.53
N GLN C 546 4.54 15.39 23.42
CA GLN C 546 4.69 14.79 22.09
C GLN C 546 6.18 14.61 21.81
N ASN C 547 6.65 13.37 21.91
CA ASN C 547 8.04 13.08 21.64
C ASN C 547 8.37 13.35 20.16
N HIS C 548 9.57 13.86 19.92
CA HIS C 548 10.01 14.14 18.56
C HIS C 548 10.20 12.83 17.80
N PRO C 549 9.42 12.56 16.75
CA PRO C 549 9.60 11.31 16.01
C PRO C 549 10.93 11.28 15.30
N GLY C 550 11.37 10.08 14.94
CA GLY C 550 12.66 9.94 14.30
C GLY C 550 12.84 8.59 13.65
N TRP C 551 14.00 8.42 13.04
CA TRP C 551 14.35 7.18 12.35
C TRP C 551 15.87 7.04 12.34
N LEU C 552 16.33 5.79 12.37
CA LEU C 552 17.74 5.47 12.25
C LEU C 552 17.94 4.76 10.91
N MET C 553 18.33 5.54 9.89
CA MET C 553 18.57 4.98 8.56
C MET C 553 19.89 4.20 8.54
N ARG C 554 19.85 3.00 7.98
CA ARG C 554 20.94 2.04 8.09
C ARG C 554 21.76 1.98 6.81
N GLY C 555 22.88 1.27 6.89
CA GLY C 555 23.66 0.90 5.72
C GLY C 555 24.33 2.04 4.97
N LEU C 556 24.84 3.03 5.68
CA LEU C 556 25.45 4.20 5.04
C LEU C 556 26.93 3.94 4.79
N LYS C 557 27.59 4.92 4.15
CA LYS C 557 29.00 4.84 3.81
C LYS C 557 29.82 5.80 4.67
N PRO C 558 31.06 5.44 5.00
CA PRO C 558 31.84 6.26 5.94
C PRO C 558 32.16 7.64 5.40
N TRP C 559 32.04 8.65 6.27
CA TRP C 559 32.15 10.07 5.99
C TRP C 559 31.69 10.47 4.58
N THR C 560 30.51 10.02 4.19
CA THR C 560 29.88 10.46 2.95
C THR C 560 28.70 11.36 3.26
N GLN C 561 28.60 12.48 2.54
CA GLN C 561 27.54 13.44 2.77
C GLN C 561 26.23 12.96 2.14
N TYR C 562 25.18 12.90 2.94
CA TYR C 562 23.84 12.54 2.48
C TYR C 562 22.96 13.78 2.48
N ALA C 563 22.23 14.00 1.38
CA ALA C 563 21.16 14.97 1.35
C ALA C 563 19.89 14.29 1.84
N ILE C 564 19.22 14.91 2.82
CA ILE C 564 18.11 14.26 3.53
C ILE C 564 16.97 15.27 3.68
N PHE C 565 15.74 14.79 3.53
CA PHE C 565 14.56 15.51 3.98
C PHE C 565 13.48 14.50 4.33
N VAL C 566 12.49 14.96 5.11
CA VAL C 566 11.40 14.12 5.57
C VAL C 566 10.08 14.79 5.26
N LYS C 567 9.07 13.98 4.95
CA LYS C 567 7.78 14.47 4.48
C LYS C 567 6.67 13.67 5.15
N THR C 568 5.51 14.30 5.28
CA THR C 568 4.37 13.68 5.93
C THR C 568 3.40 13.11 4.90
N LEU C 569 2.87 11.93 5.19
CA LEU C 569 1.86 11.29 4.34
C LEU C 569 0.51 11.50 5.01
N VAL C 570 -0.23 12.50 4.55
CA VAL C 570 -1.51 12.90 5.14
C VAL C 570 -2.62 12.63 4.14
N THR C 571 -3.63 11.88 4.58
CA THR C 571 -4.75 11.55 3.71
C THR C 571 -5.65 12.78 3.50
N PHE C 572 -6.43 12.74 2.43
CA PHE C 572 -7.36 13.82 2.16
C PHE C 572 -8.44 13.89 3.24
N SER C 573 -8.86 15.11 3.58
CA SER C 573 -9.86 15.33 4.60
C SER C 573 -11.09 16.08 4.09
N ASP C 574 -11.15 16.38 2.79
CA ASP C 574 -12.28 17.04 2.14
C ASP C 574 -12.27 18.53 2.48
N GLU C 575 -12.94 19.35 1.66
CA GLU C 575 -13.02 20.80 1.85
C GLU C 575 -11.57 21.31 1.91
N ARG C 576 -11.20 22.09 2.93
CA ARG C 576 -9.82 22.48 3.09
C ARG C 576 -9.05 21.31 3.68
N ARG C 577 -7.98 20.89 3.01
CA ARG C 577 -7.23 19.74 3.48
C ARG C 577 -6.50 20.08 4.78
N THR C 578 -6.39 19.08 5.66
CA THR C 578 -5.62 19.30 6.89
C THR C 578 -4.18 19.72 6.58
N TYR C 579 -3.73 19.44 5.35
CA TYR C 579 -2.41 19.84 4.83
C TYR C 579 -1.30 18.96 5.40
N GLY C 580 -0.17 18.92 4.70
CA GLY C 580 0.96 18.12 5.11
C GLY C 580 2.20 18.98 5.28
N ALA C 581 3.23 18.37 5.88
CA ALA C 581 4.47 19.07 6.19
C ALA C 581 5.64 18.39 5.46
N LYS C 582 6.68 19.18 5.24
CA LYS C 582 7.89 18.71 4.58
C LYS C 582 9.07 19.51 5.11
N SER C 583 10.18 18.83 5.32
CA SER C 583 11.40 19.47 5.79
C SER C 583 12.23 19.98 4.61
N ASP C 584 13.15 20.90 4.91
CA ASP C 584 14.14 21.29 3.93
C ASP C 584 15.15 20.18 3.72
N ILE C 585 15.94 20.31 2.66
CA ILE C 585 17.04 19.37 2.43
C ILE C 585 18.15 19.70 3.43
N ILE C 586 18.53 18.71 4.24
CA ILE C 586 19.65 18.84 5.16
C ILE C 586 20.75 17.89 4.71
N TYR C 587 21.99 18.31 4.97
CA TYR C 587 23.17 17.55 4.54
C TYR C 587 23.91 17.06 5.77
N VAL C 588 24.14 15.76 5.82
CA VAL C 588 24.78 15.10 6.96
C VAL C 588 25.94 14.28 6.46
N GLN C 589 27.11 14.48 7.05
CA GLN C 589 28.37 13.91 6.56
C GLN C 589 28.67 12.54 7.15
N THR C 590 27.74 11.95 7.90
CA THR C 590 27.94 10.68 8.61
C THR C 590 29.18 10.86 9.49
N ASP C 591 30.14 9.94 9.47
CA ASP C 591 31.32 10.05 10.31
C ASP C 591 32.45 9.22 9.70
N ALA C 592 33.67 9.53 10.12
CA ALA C 592 34.85 8.82 9.63
C ALA C 592 34.89 7.39 10.15
#